data_6GRU
#
_entry.id   6GRU
#
_cell.length_a   49.600
_cell.length_b   60.140
_cell.length_c   80.010
_cell.angle_alpha   79.92
_cell.angle_beta   81.52
_cell.angle_gamma   75.49
#
_symmetry.space_group_name_H-M   'P 1'
#
loop_
_entity.id
_entity.type
_entity.pdbx_description
1 polymer 'ADP-sugar pyrophosphatase'
2 non-polymer 'MAGNESIUM ION'
3 non-polymer 'CHLORIDE ION'
4 non-polymer 1,2-ETHANEDIOL
5 water water
#
_entity_poly.entity_id   1
_entity_poly.type   'polypeptide(L)'
_entity_poly.pdbx_seq_one_letter_code
;SMESQEPTESSQNGKQYIISEELISEGKWVKLEKTTYMDPTGKTRTWESVKRTTRKEQTADGVAVIPVLQRTLHYECIVL
VKQFRPPMGGYCIEFPAGLIDDGETPEAAALRELEEETGYKGDIAECSPAVCMDPGLSNCTIHIVTVTINGDDAENARPK
PKPGDGEFVEVISLPKNDLLQRLDALVAEEHLTVDARVYSYALALKHAN
;
_entity_poly.pdbx_strand_id   A,B,C,D
#
loop_
_chem_comp.id
_chem_comp.type
_chem_comp.name
_chem_comp.formula
CL non-polymer 'CHLORIDE ION' 'Cl -1'
EDO non-polymer 1,2-ETHANEDIOL 'C2 H6 O2'
MG non-polymer 'MAGNESIUM ION' 'Mg 2'
#
# COMPACT_ATOMS: atom_id res chain seq x y z
N LYS A 15 5.60 18.96 -42.63
CA LYS A 15 4.46 19.53 -43.40
C LYS A 15 3.91 20.85 -42.82
N GLN A 16 3.57 20.89 -41.52
CA GLN A 16 3.03 22.11 -40.86
C GLN A 16 4.11 22.96 -40.21
N TYR A 17 3.87 24.26 -40.14
CA TYR A 17 4.90 25.16 -39.64
C TYR A 17 4.30 26.48 -39.24
N ILE A 18 5.07 27.20 -38.41
CA ILE A 18 4.68 28.50 -37.91
C ILE A 18 4.92 29.55 -39.00
N ILE A 19 3.94 30.41 -39.23
CA ILE A 19 4.02 31.55 -40.14
C ILE A 19 4.38 32.83 -39.34
N SER A 20 3.66 33.10 -38.27
CA SER A 20 3.97 34.21 -37.39
C SER A 20 3.39 34.07 -36.00
N GLU A 21 3.94 34.85 -35.06
CA GLU A 21 3.46 34.93 -33.68
C GLU A 21 3.26 36.40 -33.27
N GLU A 22 2.00 36.82 -33.18
CA GLU A 22 1.63 38.19 -32.77
C GLU A 22 1.36 38.22 -31.27
N LEU A 23 2.02 39.10 -30.54
CA LEU A 23 1.70 39.33 -29.11
C LEU A 23 0.26 39.87 -28.91
N ILE A 24 -0.48 39.30 -27.98
CA ILE A 24 -1.81 39.82 -27.56
C ILE A 24 -1.77 40.54 -26.22
N SER A 25 -0.93 40.10 -25.29
CA SER A 25 -0.82 40.71 -23.97
C SER A 25 0.32 40.08 -23.21
N GLU A 26 1.20 40.90 -22.64
CA GLU A 26 2.33 40.45 -21.86
C GLU A 26 1.98 40.74 -20.39
N GLY A 27 2.64 39.99 -19.50
CA GLY A 27 2.64 40.26 -18.06
C GLY A 27 4.09 40.21 -17.62
N LYS A 28 4.33 40.18 -16.31
CA LYS A 28 5.69 40.05 -15.79
C LYS A 28 6.25 38.63 -16.01
N TRP A 29 5.35 37.63 -16.00
CA TRP A 29 5.74 36.22 -15.97
C TRP A 29 5.18 35.34 -17.12
N VAL A 30 4.08 35.77 -17.76
CA VAL A 30 3.35 34.99 -18.77
C VAL A 30 2.86 35.95 -19.88
N LYS A 31 2.87 35.48 -21.14
CA LYS A 31 2.24 36.20 -22.27
C LYS A 31 1.26 35.33 -23.05
N LEU A 32 0.33 35.99 -23.74
CA LEU A 32 -0.63 35.36 -24.62
C LEU A 32 -0.33 35.83 -26.06
N GLU A 33 -0.29 34.90 -27.01
CA GLU A 33 0.15 35.16 -28.41
C GLU A 33 -0.81 34.56 -29.39
N LYS A 34 -1.00 35.22 -30.53
CA LYS A 34 -1.82 34.66 -31.61
C LYS A 34 -0.84 34.08 -32.60
N THR A 35 -0.95 32.76 -32.82
CA THR A 35 0.01 32.03 -33.63
C THR A 35 -0.67 31.77 -34.96
N THR A 36 0.01 32.10 -36.05
CA THR A 36 -0.48 31.77 -37.39
C THR A 36 0.39 30.66 -37.94
N TYR A 37 -0.25 29.66 -38.53
CA TYR A 37 0.47 28.47 -38.95
C TYR A 37 -0.21 27.89 -40.17
N MET A 38 0.57 27.07 -40.88
CA MET A 38 0.13 26.42 -42.10
C MET A 38 -0.28 25.01 -41.79
N ASP A 39 -1.55 24.67 -42.10
CA ASP A 39 -2.05 23.30 -41.90
C ASP A 39 -1.60 22.41 -43.04
N PRO A 40 -1.81 21.09 -42.94
CA PRO A 40 -1.24 20.21 -43.99
C PRO A 40 -1.90 20.31 -45.38
N THR A 41 -3.08 20.93 -45.48
CA THR A 41 -3.75 21.14 -46.78
C THR A 41 -3.28 22.40 -47.54
N GLY A 42 -2.41 23.21 -46.94
CA GLY A 42 -2.04 24.54 -47.47
C GLY A 42 -2.93 25.71 -46.99
N LYS A 43 -3.89 25.44 -46.11
CA LYS A 43 -4.71 26.50 -45.48
C LYS A 43 -3.98 27.13 -44.25
N THR A 44 -3.96 28.46 -44.20
CA THR A 44 -3.50 29.24 -43.06
C THR A 44 -4.55 29.18 -41.92
N ARG A 45 -4.10 28.95 -40.68
CA ARG A 45 -4.99 28.95 -39.52
C ARG A 45 -4.32 29.65 -38.34
N THR A 46 -5.12 29.96 -37.32
CA THR A 46 -4.60 30.65 -36.15
C THR A 46 -4.86 29.85 -34.84
N TRP A 47 -4.15 30.23 -33.79
CA TRP A 47 -4.19 29.53 -32.50
C TRP A 47 -3.79 30.51 -31.39
N GLU A 48 -4.48 30.47 -30.27
CA GLU A 48 -4.07 31.26 -29.11
C GLU A 48 -3.18 30.41 -28.22
N SER A 49 -1.98 30.92 -27.94
CA SER A 49 -0.91 30.21 -27.26
C SER A 49 -0.45 31.00 -26.06
N VAL A 50 -0.05 30.28 -25.02
CA VAL A 50 0.49 30.88 -23.80
C VAL A 50 1.96 30.58 -23.75
N LYS A 51 2.79 31.55 -23.39
CA LYS A 51 4.23 31.32 -23.20
C LYS A 51 4.69 31.99 -21.91
N ARG A 52 5.70 31.42 -21.27
CA ARG A 52 6.33 32.10 -20.10
C ARG A 52 7.28 33.14 -20.65
N THR A 53 7.53 34.21 -19.88
CA THR A 53 8.46 35.26 -20.28
C THR A 53 9.90 35.01 -19.80
N THR A 54 10.11 33.94 -19.03
CA THR A 54 11.33 33.74 -18.29
C THR A 54 12.36 32.85 -19.00
N ARG A 55 12.07 32.29 -20.17
CA ARG A 55 12.98 31.29 -20.73
C ARG A 55 14.20 31.93 -21.40
N LYS A 56 15.39 31.39 -21.14
CA LYS A 56 16.68 31.93 -21.60
C LYS A 56 17.23 31.00 -22.66
N GLU A 57 18.49 30.62 -22.51
CA GLU A 57 19.11 29.50 -23.28
C GLU A 57 18.92 28.11 -22.58
N GLN A 58 17.98 28.01 -21.64
CA GLN A 58 17.63 26.73 -21.05
C GLN A 58 17.04 25.77 -22.10
N THR A 59 17.30 24.48 -21.91
CA THR A 59 16.72 23.39 -22.68
C THR A 59 15.21 23.26 -22.42
N ALA A 60 14.71 23.92 -21.35
CA ALA A 60 13.32 23.85 -20.93
C ALA A 60 13.05 24.91 -19.86
N ASP A 61 11.79 25.20 -19.60
CA ASP A 61 11.43 26.12 -18.52
C ASP A 61 11.83 25.59 -17.14
N GLY A 62 11.55 24.33 -16.88
CA GLY A 62 11.60 23.77 -15.55
C GLY A 62 12.07 22.34 -15.48
N VAL A 63 12.08 21.84 -14.26
CA VAL A 63 12.31 20.47 -13.94
C VAL A 63 11.22 19.99 -13.01
N ALA A 64 10.92 18.71 -13.11
CA ALA A 64 10.12 17.99 -12.09
C ALA A 64 10.99 16.83 -11.67
N VAL A 65 10.98 16.53 -10.37
CA VAL A 65 11.84 15.50 -9.85
C VAL A 65 10.97 14.32 -9.42
N ILE A 66 11.38 13.13 -9.85
CA ILE A 66 10.82 11.88 -9.34
C ILE A 66 11.76 11.36 -8.27
N PRO A 67 11.42 11.60 -7.00
CA PRO A 67 12.37 11.33 -5.95
C PRO A 67 12.03 10.00 -5.25
N VAL A 68 12.91 9.03 -5.41
CA VAL A 68 12.73 7.69 -4.87
C VAL A 68 13.52 7.53 -3.59
N LEU A 69 12.82 7.62 -2.46
CA LEU A 69 13.40 7.45 -1.16
C LEU A 69 13.63 5.96 -0.85
N GLN A 70 14.90 5.58 -0.73
CA GLN A 70 15.33 4.19 -0.54
C GLN A 70 15.94 4.06 0.86
N ARG A 71 15.40 3.13 1.65
CA ARG A 71 15.92 2.81 2.99
C ARG A 71 15.94 1.32 3.18
N THR A 72 17.02 0.80 3.78
CA THR A 72 17.07 -0.65 4.03
C THR A 72 15.94 -1.04 5.00
N LEU A 73 15.30 -2.16 4.68
CA LEU A 73 14.19 -2.68 5.50
C LEU A 73 12.90 -1.84 5.47
N HIS A 74 12.80 -1.05 4.39
CA HIS A 74 11.61 -0.21 4.11
C HIS A 74 11.25 -0.38 2.64
N TYR A 75 9.96 -0.25 2.35
CA TYR A 75 9.52 -0.14 0.94
C TYR A 75 10.00 1.19 0.38
N GLU A 76 10.33 1.24 -0.91
CA GLU A 76 10.63 2.53 -1.57
C GLU A 76 9.42 3.45 -1.46
N CYS A 77 9.67 4.74 -1.26
CA CYS A 77 8.66 5.77 -1.25
C CYS A 77 8.94 6.73 -2.38
N ILE A 78 7.86 7.37 -2.84
CA ILE A 78 7.96 8.46 -3.81
C ILE A 78 7.66 9.67 -2.96
N VAL A 79 8.55 10.66 -2.99
CA VAL A 79 8.41 11.89 -2.22
C VAL A 79 7.66 12.93 -3.08
N LEU A 80 6.55 13.45 -2.53
CA LEU A 80 5.73 14.44 -3.21
C LEU A 80 5.58 15.67 -2.33
N VAL A 81 5.07 16.75 -2.91
CA VAL A 81 4.87 18.01 -2.19
C VAL A 81 3.46 18.53 -2.39
N LYS A 82 2.91 19.13 -1.35
CA LYS A 82 1.56 19.71 -1.36
C LYS A 82 1.77 21.22 -1.13
N GLN A 83 1.17 22.02 -2.00
CA GLN A 83 1.26 23.48 -1.94
C GLN A 83 -0.06 24.06 -2.43
N PHE A 84 -0.36 25.24 -1.92
CA PHE A 84 -1.44 26.09 -2.47
C PHE A 84 -0.99 26.64 -3.83
N ARG A 85 -1.80 26.43 -4.85
CA ARG A 85 -1.54 26.93 -6.20
C ARG A 85 -2.59 27.97 -6.59
N PRO A 86 -2.17 29.24 -6.66
CA PRO A 86 -3.11 30.29 -6.96
C PRO A 86 -3.93 30.12 -8.24
N PRO A 87 -3.31 29.64 -9.36
CA PRO A 87 -4.13 29.42 -10.54
C PRO A 87 -5.29 28.42 -10.34
N MET A 88 -5.08 27.41 -9.51
CA MET A 88 -6.10 26.41 -9.21
C MET A 88 -7.05 26.86 -8.08
N GLY A 89 -6.66 27.88 -7.31
CA GLY A 89 -7.45 28.26 -6.15
C GLY A 89 -7.52 27.21 -5.07
N GLY A 90 -6.52 26.35 -4.97
CA GLY A 90 -6.55 25.30 -3.98
C GLY A 90 -5.22 24.57 -3.91
N TYR A 91 -5.22 23.53 -3.13
CA TYR A 91 -4.02 22.77 -2.83
C TYR A 91 -3.83 21.62 -3.85
N CYS A 92 -2.57 21.40 -4.25
CA CYS A 92 -2.22 20.43 -5.28
C CYS A 92 -1.10 19.57 -4.78
N ILE A 93 -1.13 18.30 -5.15
CA ILE A 93 -0.07 17.34 -4.81
C ILE A 93 0.75 17.06 -6.06
N GLU A 94 2.06 17.33 -5.98
CA GLU A 94 2.93 17.32 -7.18
C GLU A 94 4.28 16.71 -6.88
N PHE A 95 5.00 16.35 -7.94
CA PHE A 95 6.43 16.04 -7.83
C PHE A 95 7.10 17.37 -7.43
N PRO A 96 8.12 17.32 -6.58
CA PRO A 96 8.92 18.53 -6.39
C PRO A 96 9.42 19.04 -7.76
N ALA A 97 9.43 20.37 -7.91
CA ALA A 97 9.58 21.02 -9.19
C ALA A 97 9.85 22.50 -9.08
N GLY A 98 10.55 23.03 -10.06
CA GLY A 98 10.68 24.46 -10.24
C GLY A 98 11.39 24.85 -11.50
N LEU A 99 11.54 26.16 -11.70
CA LEU A 99 12.21 26.65 -12.92
C LEU A 99 13.73 26.48 -12.82
N ILE A 100 14.36 26.30 -13.96
CA ILE A 100 15.80 26.17 -14.10
C ILE A 100 16.35 27.59 -14.12
N ASP A 101 17.33 27.87 -13.25
CA ASP A 101 18.01 29.20 -13.25
C ASP A 101 18.88 29.37 -14.51
N ASP A 102 19.09 30.63 -14.94
CA ASP A 102 20.01 30.93 -16.07
C ASP A 102 21.40 30.32 -15.79
N GLY A 103 21.90 29.49 -16.69
CA GLY A 103 23.20 28.82 -16.54
C GLY A 103 23.23 27.51 -15.76
N GLU A 104 22.09 27.15 -15.16
CA GLU A 104 21.98 25.93 -14.36
C GLU A 104 21.64 24.76 -15.30
N THR A 105 22.25 23.63 -15.08
CA THR A 105 21.90 22.40 -15.79
C THR A 105 20.53 21.84 -15.22
N PRO A 106 19.75 21.10 -16.03
CA PRO A 106 18.53 20.45 -15.47
C PRO A 106 18.82 19.62 -14.21
N GLU A 107 19.89 18.84 -14.25
CA GLU A 107 20.27 17.99 -13.14
C GLU A 107 20.54 18.76 -11.85
N ALA A 108 21.19 19.90 -11.99
CA ALA A 108 21.56 20.71 -10.81
C ALA A 108 20.33 21.39 -10.26
N ALA A 109 19.46 21.86 -11.16
CA ALA A 109 18.19 22.43 -10.77
C ALA A 109 17.29 21.41 -10.03
N ALA A 110 17.25 20.18 -10.53
CA ALA A 110 16.50 19.08 -9.90
C ALA A 110 16.98 18.85 -8.48
N LEU A 111 18.28 18.64 -8.30
CA LEU A 111 18.83 18.43 -6.95
C LEU A 111 18.63 19.62 -6.05
N ARG A 112 18.77 20.84 -6.58
CA ARG A 112 18.58 22.04 -5.81
C ARG A 112 17.11 22.19 -5.40
N GLU A 113 16.20 22.10 -6.36
CA GLU A 113 14.78 22.22 -6.03
C GLU A 113 14.29 21.12 -5.06
N LEU A 114 14.81 19.91 -5.21
CA LEU A 114 14.48 18.82 -4.30
C LEU A 114 14.94 19.16 -2.87
N GLU A 115 16.18 19.62 -2.73
CA GLU A 115 16.69 20.00 -1.38
C GLU A 115 15.92 21.15 -0.81
N GLU A 116 15.69 22.19 -1.60
CA GLU A 116 14.91 23.34 -1.17
C GLU A 116 13.49 22.98 -0.69
N GLU A 117 12.79 22.18 -1.49
CA GLU A 117 11.37 21.93 -1.23
C GLU A 117 11.13 20.83 -0.18
N THR A 118 12.05 19.88 -0.07
CA THR A 118 11.88 18.72 0.78
C THR A 118 12.94 18.53 1.88
N GLY A 119 14.07 19.19 1.75
CA GLY A 119 15.23 18.89 2.56
C GLY A 119 16.07 17.69 2.17
N TYR A 120 15.61 16.86 1.24
CA TYR A 120 16.39 15.68 0.89
C TYR A 120 17.54 15.99 -0.08
N LYS A 121 18.66 15.27 0.10
CA LYS A 121 19.80 15.37 -0.77
C LYS A 121 19.85 14.08 -1.58
N GLY A 122 19.65 14.22 -2.88
CA GLY A 122 19.54 13.10 -3.76
C GLY A 122 20.73 12.89 -4.63
N ASP A 123 20.67 11.81 -5.40
CA ASP A 123 21.66 11.47 -6.42
C ASP A 123 20.92 11.30 -7.76
N ILE A 124 21.46 11.87 -8.83
CA ILE A 124 20.90 11.73 -10.16
C ILE A 124 20.86 10.28 -10.60
N ALA A 125 19.72 9.81 -11.10
CA ALA A 125 19.66 8.50 -11.77
C ALA A 125 19.53 8.66 -13.27
N GLU A 126 18.66 9.57 -13.73
CA GLU A 126 18.46 9.77 -15.16
C GLU A 126 17.68 11.05 -15.36
N CYS A 127 17.71 11.53 -16.60
CA CYS A 127 17.18 12.85 -16.98
C CYS A 127 16.57 12.74 -18.35
N SER A 128 15.32 13.20 -18.48
CA SER A 128 14.57 13.08 -19.73
C SER A 128 14.98 14.17 -20.68
N PRO A 129 14.69 14.00 -21.97
CA PRO A 129 14.67 15.19 -22.85
C PRO A 129 13.54 16.14 -22.43
N ALA A 130 13.48 17.33 -23.00
CA ALA A 130 12.43 18.29 -22.71
C ALA A 130 11.08 17.74 -23.15
N VAL A 131 10.12 17.77 -22.21
CA VAL A 131 8.77 17.23 -22.47
C VAL A 131 7.73 18.32 -22.23
N CYS A 132 6.61 18.27 -22.92
CA CYS A 132 5.65 19.36 -22.93
C CYS A 132 4.59 19.20 -21.83
N MET A 133 4.27 20.31 -21.19
CA MET A 133 3.31 20.37 -20.11
C MET A 133 1.86 20.38 -20.55
N ASP A 134 1.52 21.17 -21.55
CA ASP A 134 0.12 21.21 -22.04
C ASP A 134 0.16 21.76 -23.48
N PRO A 135 0.56 20.92 -24.46
CA PRO A 135 0.97 21.45 -25.76
C PRO A 135 -0.14 22.05 -26.62
N GLY A 136 -1.39 21.73 -26.34
CA GLY A 136 -2.53 22.42 -26.97
C GLY A 136 -2.74 23.85 -26.48
N LEU A 137 -2.04 24.25 -25.42
CA LEU A 137 -2.23 25.54 -24.76
C LEU A 137 -0.93 26.34 -24.64
N SER A 138 0.17 25.73 -24.22
CA SER A 138 1.39 26.48 -24.00
C SER A 138 2.58 25.82 -24.64
N ASN A 139 3.69 26.53 -24.65
CA ASN A 139 4.96 25.98 -25.07
C ASN A 139 5.79 25.50 -23.87
N CYS A 140 5.23 25.44 -22.67
CA CYS A 140 5.98 25.09 -21.47
C CYS A 140 6.54 23.69 -21.54
N THR A 141 7.82 23.58 -21.16
CA THR A 141 8.51 22.29 -21.14
C THR A 141 9.27 22.09 -19.84
N ILE A 142 9.50 20.81 -19.49
CA ILE A 142 10.34 20.45 -18.37
C ILE A 142 11.26 19.32 -18.71
N HIS A 143 12.31 19.16 -17.92
CA HIS A 143 12.96 17.87 -17.84
C HIS A 143 12.42 17.13 -16.63
N ILE A 144 12.12 15.84 -16.80
CA ILE A 144 11.76 15.00 -15.70
C ILE A 144 13.01 14.29 -15.29
N VAL A 145 13.41 14.49 -14.04
CA VAL A 145 14.68 13.97 -13.58
C VAL A 145 14.40 12.99 -12.46
N THR A 146 14.83 11.76 -12.64
CA THR A 146 14.73 10.71 -11.63
C THR A 146 15.92 10.77 -10.74
N VAL A 147 15.64 10.80 -9.43
CA VAL A 147 16.64 10.99 -8.38
C VAL A 147 16.40 9.94 -7.28
N THR A 148 17.45 9.24 -6.85
CA THR A 148 17.38 8.34 -5.69
C THR A 148 17.84 9.10 -4.45
N ILE A 149 17.18 8.88 -3.33
CA ILE A 149 17.53 9.45 -2.07
C ILE A 149 17.94 8.31 -1.16
N ASN A 150 19.22 8.34 -0.71
CA ASN A 150 19.71 7.37 0.24
C ASN A 150 19.20 7.80 1.60
N GLY A 151 18.10 7.19 2.05
CA GLY A 151 17.48 7.59 3.31
C GLY A 151 18.20 7.06 4.53
N ASP A 152 19.19 6.20 4.34
CA ASP A 152 20.02 5.74 5.47
C ASP A 152 21.22 6.64 5.75
N ASP A 153 21.61 7.49 4.79
CA ASP A 153 22.67 8.50 5.03
C ASP A 153 22.19 9.49 6.07
N ALA A 154 23.07 9.84 7.00
CA ALA A 154 22.71 10.72 8.11
C ALA A 154 22.23 12.09 7.63
N GLU A 155 22.72 12.54 6.45
CA GLU A 155 22.29 13.84 5.92
C GLU A 155 20.79 13.89 5.63
N ASN A 156 20.20 12.72 5.39
CA ASN A 156 18.76 12.59 5.06
C ASN A 156 17.93 12.07 6.24
N ALA A 157 18.51 12.14 7.45
CA ALA A 157 17.84 11.60 8.63
C ALA A 157 16.62 12.43 9.03
N ARG A 158 16.85 13.70 9.29
CA ARG A 158 15.81 14.64 9.70
C ARG A 158 15.96 15.83 8.73
N PRO A 159 15.55 15.64 7.47
CA PRO A 159 15.75 16.69 6.47
C PRO A 159 14.84 17.92 6.73
N LYS A 160 15.42 19.11 6.65
CA LYS A 160 14.66 20.39 6.79
C LYS A 160 14.56 21.12 5.44
N PRO A 161 13.33 21.38 4.96
CA PRO A 161 13.20 22.19 3.73
C PRO A 161 13.83 23.56 3.88
N LYS A 162 14.40 24.12 2.82
CA LYS A 162 14.87 25.51 2.75
C LYS A 162 14.09 26.25 1.64
N PRO A 163 12.79 26.49 1.87
CA PRO A 163 12.01 27.13 0.83
C PRO A 163 12.43 28.59 0.58
N GLY A 164 12.29 29.04 -0.66
CA GLY A 164 12.52 30.44 -1.02
C GLY A 164 11.33 31.29 -0.65
N ASP A 165 11.42 32.58 -0.96
CA ASP A 165 10.39 33.54 -0.58
C ASP A 165 9.08 33.19 -1.30
N GLY A 166 7.99 33.15 -0.55
CA GLY A 166 6.67 32.82 -1.09
C GLY A 166 6.39 31.34 -1.35
N GLU A 167 7.31 30.45 -0.95
CA GLU A 167 7.15 28.99 -1.11
C GLU A 167 6.77 28.40 0.21
N PHE A 168 5.66 27.69 0.23
CA PHE A 168 5.17 27.02 1.42
C PHE A 168 4.79 25.59 1.03
N VAL A 169 5.59 24.64 1.50
CA VAL A 169 5.54 23.29 1.02
C VAL A 169 5.39 22.35 2.20
N GLU A 170 4.52 21.35 2.03
CA GLU A 170 4.40 20.20 2.93
C GLU A 170 4.84 18.97 2.14
N VAL A 171 5.67 18.14 2.74
CA VAL A 171 6.23 16.95 2.15
C VAL A 171 5.36 15.76 2.49
N ILE A 172 5.00 14.97 1.47
CA ILE A 172 4.24 13.72 1.65
C ILE A 172 4.96 12.57 0.92
N SER A 173 5.46 11.60 1.67
CA SER A 173 6.12 10.40 1.10
C SER A 173 5.24 9.22 1.09
N LEU A 174 5.00 8.62 -0.06
CA LEU A 174 4.05 7.52 -0.17
C LEU A 174 4.70 6.33 -0.78
N PRO A 175 4.34 5.11 -0.30
CA PRO A 175 4.99 3.92 -0.80
C PRO A 175 4.73 3.69 -2.27
N LYS A 176 5.78 3.38 -3.01
CA LYS A 176 5.69 3.12 -4.46
C LYS A 176 4.78 1.96 -4.78
N ASN A 177 4.80 0.93 -3.92
CA ASN A 177 4.01 -0.28 -4.09
C ASN A 177 2.49 -0.10 -3.88
N ASP A 178 2.06 1.07 -3.43
CA ASP A 178 0.63 1.34 -3.26
C ASP A 178 0.25 2.79 -3.63
N LEU A 179 0.98 3.40 -4.57
CA LEU A 179 0.93 4.85 -4.72
C LEU A 179 -0.48 5.32 -5.08
N LEU A 180 -1.08 4.69 -6.06
CA LEU A 180 -2.35 5.12 -6.57
C LEU A 180 -3.45 5.03 -5.47
N GLN A 181 -3.51 3.93 -4.73
CA GLN A 181 -4.50 3.81 -3.64
C GLN A 181 -4.25 4.86 -2.55
N ARG A 182 -3.00 5.08 -2.21
CA ARG A 182 -2.68 6.13 -1.24
C ARG A 182 -3.05 7.53 -1.71
N LEU A 183 -2.86 7.84 -2.99
CA LEU A 183 -3.28 9.12 -3.55
C LEU A 183 -4.84 9.24 -3.56
N ASP A 184 -5.52 8.17 -3.94
CA ASP A 184 -7.00 8.18 -3.94
C ASP A 184 -7.51 8.40 -2.51
N ALA A 185 -6.85 7.82 -1.49
CA ALA A 185 -7.26 8.03 -0.10
C ALA A 185 -7.11 9.47 0.34
N LEU A 186 -5.97 10.09 0.00
CA LEU A 186 -5.75 11.53 0.29
C LEU A 186 -6.82 12.41 -0.32
N VAL A 187 -7.18 12.11 -1.56
CA VAL A 187 -8.21 12.87 -2.28
C VAL A 187 -9.59 12.67 -1.62
N ALA A 188 -9.87 11.47 -1.11
CA ALA A 188 -11.16 11.17 -0.45
C ALA A 188 -11.28 11.94 0.86
N GLU A 189 -10.19 12.04 1.62
CA GLU A 189 -10.22 12.68 2.93
C GLU A 189 -10.01 14.22 2.98
N GLU A 190 -9.47 14.84 1.95
CA GLU A 190 -8.87 16.18 2.07
C GLU A 190 -8.97 17.18 0.93
N HIS A 191 -9.83 17.04 -0.07
CA HIS A 191 -10.11 18.21 -0.97
C HIS A 191 -8.85 18.92 -1.55
N LEU A 192 -8.26 18.24 -2.49
CA LEU A 192 -7.05 18.69 -3.13
C LEU A 192 -6.98 18.01 -4.47
N THR A 193 -6.15 18.51 -5.38
CA THR A 193 -6.02 17.99 -6.75
C THR A 193 -4.65 17.31 -6.91
N VAL A 194 -4.63 16.16 -7.53
CA VAL A 194 -3.40 15.47 -7.82
C VAL A 194 -2.96 15.94 -9.18
N ASP A 195 -1.67 16.19 -9.33
CA ASP A 195 -1.08 16.54 -10.62
C ASP A 195 -1.17 15.38 -11.62
N ALA A 196 -1.44 15.71 -12.88
CA ALA A 196 -1.58 14.68 -13.92
C ALA A 196 -0.36 13.81 -14.15
N ARG A 197 0.82 14.38 -13.99
CA ARG A 197 2.06 13.55 -14.10
C ARG A 197 2.18 12.59 -12.93
N VAL A 198 1.89 13.05 -11.71
CA VAL A 198 1.86 12.15 -10.57
C VAL A 198 0.86 10.98 -10.77
N TYR A 199 -0.36 11.31 -11.18
CA TYR A 199 -1.39 10.30 -11.40
C TYR A 199 -1.01 9.36 -12.52
N SER A 200 -0.42 9.86 -13.60
CA SER A 200 0.02 8.98 -14.73
C SER A 200 1.09 7.98 -14.26
N TYR A 201 2.02 8.49 -13.48
CA TYR A 201 3.07 7.66 -12.88
C TYR A 201 2.46 6.56 -11.96
N ALA A 202 1.54 6.97 -11.09
CA ALA A 202 0.83 6.01 -10.22
C ALA A 202 0.01 4.95 -10.98
N LEU A 203 -0.68 5.35 -12.02
CA LEU A 203 -1.40 4.41 -12.89
C LEU A 203 -0.48 3.37 -13.50
N ALA A 204 0.63 3.83 -14.10
CA ALA A 204 1.61 2.92 -14.67
C ALA A 204 2.22 1.95 -13.63
N LEU A 205 2.44 2.39 -12.38
CA LEU A 205 2.91 1.44 -11.37
C LEU A 205 1.88 0.28 -11.19
N LYS A 206 0.59 0.59 -11.24
CA LYS A 206 -0.45 -0.42 -11.15
C LYS A 206 -0.55 -1.22 -12.43
N HIS A 207 -0.51 -0.57 -13.60
CA HIS A 207 -0.64 -1.31 -14.87
C HIS A 207 0.55 -2.23 -15.21
N ALA A 208 1.70 -1.96 -14.60
CA ALA A 208 2.82 -2.88 -14.67
C ALA A 208 2.51 -4.04 -13.74
N LYS B 15 -5.80 27.44 5.16
CA LYS B 15 -4.94 28.61 5.55
C LYS B 15 -4.86 29.67 4.39
N GLN B 16 -4.48 29.24 3.17
CA GLN B 16 -4.35 30.18 2.02
C GLN B 16 -5.62 30.24 1.18
N TYR B 17 -5.85 31.37 0.55
CA TYR B 17 -7.09 31.57 -0.19
C TYR B 17 -6.95 32.70 -1.17
N ILE B 18 -7.85 32.69 -2.15
CA ILE B 18 -7.92 33.71 -3.18
C ILE B 18 -8.65 34.92 -2.59
N ILE B 19 -8.08 36.10 -2.80
CA ILE B 19 -8.65 37.40 -2.39
C ILE B 19 -9.40 38.01 -3.60
N SER B 20 -8.73 38.10 -4.74
CA SER B 20 -9.36 38.63 -5.95
C SER B 20 -8.65 38.21 -7.23
N GLU B 21 -9.37 38.32 -8.34
CA GLU B 21 -8.92 37.98 -9.67
C GLU B 21 -9.17 39.15 -10.63
N GLU B 22 -8.11 39.82 -11.06
CA GLU B 22 -8.19 40.86 -12.09
C GLU B 22 -7.95 40.25 -13.48
N LEU B 23 -8.88 40.45 -14.41
CA LEU B 23 -8.61 40.12 -15.83
C LEU B 23 -7.50 41.00 -16.41
N ILE B 24 -6.52 40.41 -17.11
CA ILE B 24 -5.46 41.16 -17.82
C ILE B 24 -5.69 41.14 -19.35
N SER B 25 -6.26 40.06 -19.88
CA SER B 25 -6.60 39.98 -21.29
C SER B 25 -7.38 38.70 -21.55
N GLU B 26 -8.51 38.81 -22.24
CA GLU B 26 -9.31 37.66 -22.65
C GLU B 26 -9.07 37.44 -24.12
N GLY B 27 -9.26 36.19 -24.56
CA GLY B 27 -9.25 35.82 -25.97
C GLY B 27 -10.50 34.97 -26.19
N LYS B 28 -10.60 34.33 -27.34
CA LYS B 28 -11.75 33.49 -27.65
C LYS B 28 -11.71 32.18 -26.87
N TRP B 29 -10.49 31.68 -26.59
CA TRP B 29 -10.28 30.40 -25.94
C TRP B 29 -9.50 30.42 -24.59
N VAL B 30 -8.73 31.48 -24.33
CA VAL B 30 -7.83 31.55 -23.17
C VAL B 30 -7.83 32.97 -22.58
N LYS B 31 -7.77 33.09 -21.24
CA LYS B 31 -7.57 34.39 -20.55
C LYS B 31 -6.38 34.37 -19.60
N LEU B 32 -5.85 35.56 -19.37
CA LEU B 32 -4.69 35.76 -18.50
C LEU B 32 -5.20 36.66 -17.34
N GLU B 33 -4.93 36.25 -16.09
CA GLU B 33 -5.51 36.89 -14.89
C GLU B 33 -4.44 37.19 -13.86
N LYS B 34 -4.60 38.29 -13.12
CA LYS B 34 -3.72 38.56 -11.98
C LYS B 34 -4.51 38.12 -10.75
N THR B 35 -3.96 37.15 -10.02
CA THR B 35 -4.65 36.56 -8.88
C THR B 35 -4.01 37.15 -7.64
N THR B 36 -4.85 37.65 -6.72
CA THR B 36 -4.33 38.10 -5.40
C THR B 36 -4.76 37.08 -4.38
N TYR B 37 -3.84 36.72 -3.50
CA TYR B 37 -4.11 35.65 -2.56
C TYR B 37 -3.38 35.90 -1.28
N MET B 38 -3.85 35.23 -0.23
CA MET B 38 -3.30 35.37 1.10
C MET B 38 -2.38 34.20 1.37
N ASP B 39 -1.11 34.49 1.69
CA ASP B 39 -0.15 33.43 2.01
C ASP B 39 -0.35 33.01 3.46
N PRO B 40 0.33 31.94 3.90
CA PRO B 40 0.02 31.43 5.25
C PRO B 40 0.51 32.33 6.42
N THR B 41 1.39 33.30 6.16
CA THR B 41 1.86 34.24 7.18
C THR B 41 0.94 35.47 7.39
N GLY B 42 -0.12 35.60 6.59
CA GLY B 42 -0.95 36.81 6.56
C GLY B 42 -0.53 37.89 5.56
N LYS B 43 0.52 37.62 4.78
CA LYS B 43 0.94 38.55 3.70
C LYS B 43 0.12 38.31 2.39
N THR B 44 -0.37 39.41 1.82
CA THR B 44 -1.03 39.43 0.52
C THR B 44 0.02 39.31 -0.59
N ARG B 45 -0.23 38.46 -1.60
CA ARG B 45 0.71 38.29 -2.73
C ARG B 45 -0.06 38.12 -4.02
N THR B 46 0.66 38.21 -5.15
CA THR B 46 0.02 38.11 -6.45
C THR B 46 0.62 37.01 -7.33
N TRP B 47 -0.12 36.61 -8.35
CA TRP B 47 0.25 35.51 -9.24
C TRP B 47 -0.40 35.70 -10.61
N GLU B 48 0.37 35.47 -11.68
CA GLU B 48 -0.20 35.52 -13.02
C GLU B 48 -0.62 34.12 -13.41
N SER B 49 -1.90 33.98 -13.78
CA SER B 49 -2.58 32.72 -13.98
C SER B 49 -3.23 32.70 -15.36
N VAL B 50 -3.31 31.52 -15.95
CA VAL B 50 -3.96 31.32 -17.24
C VAL B 50 -5.20 30.48 -17.00
N LYS B 51 -6.33 30.81 -17.63
CA LYS B 51 -7.53 29.96 -17.59
C LYS B 51 -8.10 29.78 -19.00
N ARG B 52 -8.71 28.63 -19.28
CA ARG B 52 -9.49 28.46 -20.50
C ARG B 52 -10.84 29.15 -20.31
N THR B 53 -11.43 29.63 -21.41
CA THR B 53 -12.75 30.29 -21.37
C THR B 53 -13.89 29.32 -21.65
N THR B 54 -13.59 28.06 -21.94
CA THR B 54 -14.54 27.11 -22.47
C THR B 54 -15.20 26.22 -21.42
N ARG B 55 -14.83 26.30 -20.14
CA ARG B 55 -15.36 25.33 -19.18
C ARG B 55 -16.83 25.63 -18.78
N LYS B 56 -17.65 24.57 -18.71
CA LYS B 56 -19.09 24.65 -18.45
C LYS B 56 -19.42 24.24 -17.02
N GLN B 58 -18.83 21.13 -16.31
CA GLN B 58 -17.85 20.06 -16.54
C GLN B 58 -17.07 19.79 -15.23
N THR B 59 -16.75 18.52 -15.03
CA THR B 59 -15.89 18.06 -13.93
C THR B 59 -14.42 18.49 -14.15
N ALA B 60 -14.11 18.94 -15.36
CA ALA B 60 -12.73 19.18 -15.84
C ALA B 60 -12.80 19.70 -17.28
N ASP B 61 -11.74 20.35 -17.76
CA ASP B 61 -11.71 20.82 -19.13
C ASP B 61 -11.74 19.68 -20.16
N GLY B 62 -10.92 18.67 -19.92
CA GLY B 62 -10.65 17.64 -20.91
C GLY B 62 -10.51 16.23 -20.34
N VAL B 63 -10.29 15.33 -21.27
CA VAL B 63 -9.88 13.97 -20.97
C VAL B 63 -8.62 13.65 -21.75
N ALA B 64 -7.81 12.76 -21.20
CA ALA B 64 -6.71 12.11 -21.91
C ALA B 64 -6.97 10.63 -21.77
N VAL B 65 -6.75 9.88 -22.83
CA VAL B 65 -7.05 8.46 -22.83
C VAL B 65 -5.74 7.68 -22.86
N ILE B 66 -5.60 6.72 -21.97
CA ILE B 66 -4.56 5.73 -22.01
C ILE B 66 -5.11 4.48 -22.69
N PRO B 67 -4.81 4.33 -24.00
CA PRO B 67 -5.43 3.26 -24.76
C PRO B 67 -4.50 2.07 -24.87
N VAL B 68 -4.90 0.96 -24.25
CA VAL B 68 -4.13 -0.27 -24.26
C VAL B 68 -4.68 -1.25 -25.33
N LEU B 69 -3.98 -1.31 -26.46
CA LEU B 69 -4.34 -2.19 -27.54
C LEU B 69 -3.88 -3.64 -27.26
N GLN B 70 -4.86 -4.53 -27.11
CA GLN B 70 -4.62 -5.91 -26.67
C GLN B 70 -4.98 -6.85 -27.83
N ARG B 71 -4.00 -7.64 -28.25
CA ARG B 71 -4.17 -8.62 -29.34
C ARG B 71 -3.46 -9.89 -28.93
N THR B 72 -4.16 -11.01 -29.14
CA THR B 72 -3.60 -12.27 -28.70
C THR B 72 -2.32 -12.57 -29.48
N LEU B 73 -1.33 -13.09 -28.75
CA LEU B 73 -0.04 -13.45 -29.37
C LEU B 73 0.81 -12.27 -29.85
N HIS B 74 0.50 -11.08 -29.32
CA HIS B 74 1.22 -9.82 -29.62
C HIS B 74 1.54 -9.11 -28.33
N TYR B 75 2.59 -8.27 -28.35
CA TYR B 75 2.80 -7.43 -27.14
C TYR B 75 1.62 -6.45 -27.04
N GLU B 76 1.16 -6.13 -25.81
CA GLU B 76 0.23 -5.02 -25.64
C GLU B 76 0.94 -3.75 -26.09
N CYS B 77 0.19 -2.84 -26.72
CA CYS B 77 0.68 -1.60 -27.22
C CYS B 77 -0.09 -0.48 -26.51
N ILE B 78 0.57 0.67 -26.40
CA ILE B 78 -0.06 1.89 -25.97
C ILE B 78 -0.22 2.69 -27.23
N VAL B 79 -1.44 3.15 -27.50
CA VAL B 79 -1.75 3.90 -28.70
C VAL B 79 -1.60 5.40 -28.41
N LEU B 80 -0.77 6.07 -29.20
CA LEU B 80 -0.49 7.50 -29.03
C LEU B 80 -0.77 8.22 -30.33
N VAL B 81 -0.80 9.54 -30.26
CA VAL B 81 -1.06 10.38 -31.42
C VAL B 81 0.01 11.45 -31.55
N LYS B 82 0.39 11.74 -32.79
CA LYS B 82 1.37 12.75 -33.14
C LYS B 82 0.61 13.83 -33.91
N GLN B 83 0.80 15.06 -33.51
CA GLN B 83 0.11 16.22 -34.09
C GLN B 83 1.05 17.42 -34.03
N PHE B 84 0.90 18.32 -34.99
CA PHE B 84 1.50 19.64 -34.89
C PHE B 84 0.77 20.46 -33.84
N ARG B 85 1.52 21.01 -32.89
CA ARG B 85 0.95 21.85 -31.82
C ARG B 85 1.48 23.27 -31.97
N PRO B 86 0.59 24.19 -32.39
CA PRO B 86 1.03 25.57 -32.62
C PRO B 86 1.72 26.24 -31.45
N PRO B 87 1.25 26.07 -30.20
CA PRO B 87 2.01 26.66 -29.09
C PRO B 87 3.46 26.20 -28.97
N MET B 88 3.72 24.94 -29.31
CA MET B 88 5.08 24.38 -29.26
C MET B 88 5.86 24.66 -30.54
N GLY B 89 5.19 25.05 -31.62
CA GLY B 89 5.86 25.26 -32.91
C GLY B 89 6.42 23.98 -33.47
N GLY B 90 5.84 22.83 -33.13
CA GLY B 90 6.38 21.59 -33.61
C GLY B 90 5.47 20.44 -33.28
N TYR B 91 5.98 19.26 -33.59
CA TYR B 91 5.18 18.04 -33.48
C TYR B 91 5.37 17.41 -32.08
N CYS B 92 4.28 16.89 -31.52
CA CYS B 92 4.21 16.38 -30.18
C CYS B 92 3.59 15.01 -30.21
N ILE B 93 4.06 14.12 -29.36
CA ILE B 93 3.48 12.79 -29.15
C ILE B 93 2.72 12.78 -27.84
N GLU B 94 1.44 12.45 -27.90
CA GLU B 94 0.53 12.54 -26.72
C GLU B 94 -0.43 11.39 -26.66
N PHE B 95 -1.04 11.22 -25.49
CA PHE B 95 -2.20 10.34 -25.35
C PHE B 95 -3.32 10.98 -26.18
N PRO B 96 -4.14 10.19 -26.88
CA PRO B 96 -5.35 10.77 -27.42
C PRO B 96 -6.12 11.55 -26.33
N ALA B 97 -6.67 12.71 -26.71
CA ALA B 97 -7.20 13.69 -25.77
C ALA B 97 -8.02 14.75 -26.45
N GLY B 98 -8.98 15.28 -25.71
CA GLY B 98 -9.69 16.49 -26.13
C GLY B 98 -10.58 17.03 -25.03
N LEU B 99 -11.26 18.13 -25.33
CA LEU B 99 -12.18 18.75 -24.39
C LEU B 99 -13.49 17.95 -24.29
N ILE B 100 -14.09 17.97 -23.11
CA ILE B 100 -15.35 17.32 -22.83
C ILE B 100 -16.45 18.26 -23.31
N ASP B 101 -17.38 17.76 -24.11
CA ASP B 101 -18.55 18.55 -24.58
C ASP B 101 -19.52 18.86 -23.43
N ASP B 102 -20.25 19.97 -23.53
CA ASP B 102 -21.33 20.30 -22.55
C ASP B 102 -22.31 19.12 -22.45
N GLY B 103 -22.52 18.60 -21.23
CA GLY B 103 -23.43 17.46 -21.01
C GLY B 103 -22.84 16.05 -21.18
N GLU B 104 -21.60 15.99 -21.66
CA GLU B 104 -20.94 14.69 -21.91
C GLU B 104 -20.26 14.26 -20.62
N THR B 105 -20.34 12.97 -20.31
CA THR B 105 -19.56 12.39 -19.22
C THR B 105 -18.05 12.26 -19.64
N PRO B 106 -17.10 12.28 -18.68
CA PRO B 106 -15.69 12.01 -19.05
C PRO B 106 -15.49 10.73 -19.83
N GLU B 107 -16.17 9.67 -19.39
CA GLU B 107 -16.06 8.35 -20.04
C GLU B 107 -16.50 8.39 -21.49
N ALA B 108 -17.57 9.11 -21.77
CA ALA B 108 -18.13 9.16 -23.12
C ALA B 108 -17.24 9.99 -24.01
N ALA B 109 -16.72 11.08 -23.45
CA ALA B 109 -15.74 11.91 -24.14
C ALA B 109 -14.46 11.14 -24.49
N ALA B 110 -13.98 10.33 -23.55
CA ALA B 110 -12.81 9.48 -23.76
C ALA B 110 -13.01 8.55 -24.94
N LEU B 111 -14.12 7.79 -24.92
CA LEU B 111 -14.41 6.87 -26.03
C LEU B 111 -14.61 7.57 -27.33
N ARG B 112 -15.27 8.73 -27.31
CA ARG B 112 -15.50 9.50 -28.51
C ARG B 112 -14.18 10.05 -29.06
N GLU B 113 -13.42 10.72 -28.21
CA GLU B 113 -12.13 11.27 -28.70
C GLU B 113 -11.16 10.17 -29.20
N LEU B 114 -11.14 9.02 -28.52
CA LEU B 114 -10.32 7.90 -28.97
C LEU B 114 -10.76 7.43 -30.36
N GLU B 115 -12.08 7.24 -30.57
CA GLU B 115 -12.54 6.82 -31.90
C GLU B 115 -12.25 7.89 -32.94
N GLU B 116 -12.55 9.14 -32.63
CA GLU B 116 -12.24 10.24 -33.55
C GLU B 116 -10.78 10.33 -33.97
N GLU B 117 -9.88 10.24 -33.00
CA GLU B 117 -8.47 10.49 -33.25
C GLU B 117 -7.71 9.28 -33.79
N THR B 118 -8.17 8.09 -33.42
CA THR B 118 -7.46 6.85 -33.78
C THR B 118 -8.26 5.83 -34.59
N GLY B 119 -9.57 5.97 -34.64
CA GLY B 119 -10.47 4.94 -35.14
C GLY B 119 -10.77 3.78 -34.23
N TYR B 120 -10.09 3.63 -33.08
CA TYR B 120 -10.34 2.46 -32.24
C TYR B 120 -11.59 2.60 -31.37
N LYS B 121 -12.27 1.47 -31.16
CA LYS B 121 -13.44 1.40 -30.31
C LYS B 121 -13.04 0.66 -29.06
N GLY B 122 -13.08 1.37 -27.93
CA GLY B 122 -12.52 0.84 -26.70
C GLY B 122 -13.57 0.57 -25.67
N ASP B 123 -13.12 0.04 -24.54
CA ASP B 123 -13.94 -0.23 -23.37
C ASP B 123 -13.29 0.48 -22.16
N ILE B 124 -14.11 1.16 -21.37
CA ILE B 124 -13.62 1.85 -20.18
C ILE B 124 -13.06 0.85 -19.18
N ALA B 125 -11.86 1.08 -18.67
CA ALA B 125 -11.31 0.28 -17.57
C ALA B 125 -11.35 1.04 -16.25
N GLU B 126 -10.95 2.32 -16.26
CA GLU B 126 -11.03 3.14 -15.07
C GLU B 126 -10.89 4.62 -15.46
N CYS B 127 -11.27 5.49 -14.52
CA CYS B 127 -11.36 6.92 -14.73
C CYS B 127 -10.87 7.66 -13.50
N SER B 128 -9.95 8.62 -13.69
CA SER B 128 -9.36 9.35 -12.58
C SER B 128 -10.29 10.45 -12.13
N PRO B 129 -10.09 10.96 -10.90
CA PRO B 129 -10.65 12.27 -10.58
C PRO B 129 -9.99 13.35 -11.44
N ALA B 130 -10.49 14.59 -11.37
CA ALA B 130 -9.88 15.71 -12.12
C ALA B 130 -8.47 15.94 -11.61
N VAL B 131 -7.51 15.99 -12.54
CA VAL B 131 -6.07 16.15 -12.24
C VAL B 131 -5.56 17.39 -12.95
N CYS B 132 -4.59 18.09 -12.37
CA CYS B 132 -4.12 19.35 -12.90
C CYS B 132 -2.99 19.17 -13.95
N MET B 133 -3.07 19.96 -15.01
CA MET B 133 -2.10 19.91 -16.09
C MET B 133 -0.80 20.69 -15.79
N ASP B 134 -0.92 21.90 -15.25
CA ASP B 134 0.27 22.72 -14.96
C ASP B 134 -0.12 23.73 -13.88
N PRO B 135 -0.23 23.29 -12.61
CA PRO B 135 -0.92 24.09 -11.61
C PRO B 135 -0.18 25.38 -11.17
N GLY B 136 1.12 25.48 -11.43
CA GLY B 136 1.87 26.72 -11.24
C GLY B 136 1.53 27.81 -12.27
N LEU B 137 0.81 27.43 -13.33
CA LEU B 137 0.53 28.33 -14.45
C LEU B 137 -0.96 28.44 -14.78
N SER B 138 -1.69 27.34 -14.83
CA SER B 138 -3.10 27.38 -15.21
C SER B 138 -3.98 26.62 -14.27
N ASN B 139 -5.28 26.76 -14.49
CA ASN B 139 -6.27 25.96 -13.76
C ASN B 139 -6.74 24.75 -14.58
N CYS B 140 -6.07 24.45 -15.69
CA CYS B 140 -6.53 23.38 -16.59
C CYS B 140 -6.50 22.02 -15.90
N THR B 141 -7.59 21.26 -16.08
CA THR B 141 -7.70 19.94 -15.52
C THR B 141 -8.21 18.93 -16.54
N ILE B 142 -7.88 17.64 -16.31
CA ILE B 142 -8.41 16.56 -17.12
C ILE B 142 -8.81 15.40 -16.28
N HIS B 143 -9.63 14.52 -16.85
CA HIS B 143 -9.72 13.16 -16.35
C HIS B 143 -8.83 12.27 -17.21
N ILE B 144 -8.05 11.42 -16.58
CA ILE B 144 -7.25 10.44 -17.27
C ILE B 144 -8.07 9.16 -17.26
N VAL B 145 -8.39 8.67 -18.43
CA VAL B 145 -9.28 7.53 -18.55
C VAL B 145 -8.50 6.40 -19.22
N THR B 146 -8.38 5.28 -18.51
CA THR B 146 -7.73 4.08 -19.01
C THR B 146 -8.78 3.26 -19.78
N VAL B 147 -8.45 2.88 -21.00
CA VAL B 147 -9.33 2.18 -21.93
C VAL B 147 -8.61 0.98 -22.58
N THR B 148 -9.23 -0.19 -22.59
CA THR B 148 -8.69 -1.35 -23.31
C THR B 148 -9.34 -1.45 -24.69
N ILE B 149 -8.55 -1.81 -25.68
CA ILE B 149 -9.02 -1.97 -27.03
C ILE B 149 -8.82 -3.45 -27.40
N ASN B 150 -9.92 -4.14 -27.70
CA ASN B 150 -9.83 -5.52 -28.15
C ASN B 150 -9.46 -5.51 -29.62
N GLY B 151 -8.17 -5.69 -29.90
CA GLY B 151 -7.66 -5.59 -31.26
C GLY B 151 -7.97 -6.81 -32.11
N ASP B 152 -8.53 -7.86 -31.53
CA ASP B 152 -8.96 -9.04 -32.29
C ASP B 152 -10.43 -8.91 -32.77
N ASP B 153 -11.22 -8.03 -32.16
CA ASP B 153 -12.61 -7.77 -32.64
C ASP B 153 -12.53 -7.13 -34.02
N ALA B 154 -13.41 -7.57 -34.90
CA ALA B 154 -13.43 -7.11 -36.30
C ALA B 154 -13.61 -5.60 -36.39
N GLU B 155 -14.30 -4.97 -35.43
CA GLU B 155 -14.51 -3.52 -35.48
C GLU B 155 -13.20 -2.74 -35.38
N ASN B 156 -12.17 -3.36 -34.80
CA ASN B 156 -10.84 -2.75 -34.64
C ASN B 156 -9.80 -3.29 -35.62
N ALA B 157 -10.28 -3.99 -36.67
CA ALA B 157 -9.40 -4.59 -37.67
C ALA B 157 -8.74 -3.51 -38.53
N ARG B 158 -9.54 -2.67 -39.16
CA ARG B 158 -9.07 -1.63 -40.04
C ARG B 158 -9.71 -0.32 -39.53
N PRO B 159 -9.24 0.18 -38.38
CA PRO B 159 -9.86 1.38 -37.81
C PRO B 159 -9.57 2.64 -38.64
N LYS B 160 -10.59 3.45 -38.90
CA LYS B 160 -10.40 4.75 -39.63
C LYS B 160 -10.64 5.93 -38.69
N PRO B 161 -9.64 6.81 -38.50
CA PRO B 161 -9.90 8.01 -37.69
C PRO B 161 -11.01 8.86 -38.33
N LYS B 162 -11.82 9.55 -37.53
CA LYS B 162 -12.79 10.54 -37.98
C LYS B 162 -12.41 11.89 -37.33
N PRO B 163 -11.32 12.51 -37.78
CA PRO B 163 -10.93 13.76 -37.15
C PRO B 163 -11.90 14.91 -37.44
N GLY B 164 -12.05 15.82 -36.48
CA GLY B 164 -12.86 17.02 -36.69
C GLY B 164 -12.07 18.05 -37.47
N ASP B 165 -12.71 19.20 -37.66
CA ASP B 165 -12.12 20.29 -38.42
C ASP B 165 -10.85 20.80 -37.74
N GLY B 166 -9.77 20.92 -38.51
CA GLY B 166 -8.49 21.38 -38.01
C GLY B 166 -7.66 20.36 -37.23
N GLU B 167 -8.10 19.09 -37.18
CA GLU B 167 -7.38 18.01 -36.49
C GLU B 167 -6.67 17.17 -37.52
N PHE B 168 -5.37 17.04 -37.37
CA PHE B 168 -4.54 16.24 -38.25
C PHE B 168 -3.65 15.36 -37.37
N VAL B 169 -3.97 14.07 -37.37
CA VAL B 169 -3.47 13.14 -36.40
C VAL B 169 -2.82 11.98 -37.12
N GLU B 170 -1.62 11.60 -36.64
CA GLU B 170 -0.95 10.36 -37.02
C GLU B 170 -0.97 9.47 -35.80
N VAL B 171 -1.36 8.20 -35.98
CA VAL B 171 -1.47 7.24 -34.90
C VAL B 171 -0.14 6.48 -34.81
N ILE B 172 0.41 6.39 -33.59
CA ILE B 172 1.64 5.64 -33.33
C ILE B 172 1.38 4.68 -32.14
N SER B 173 1.41 3.36 -32.40
CA SER B 173 1.32 2.34 -31.36
C SER B 173 2.66 1.83 -30.95
N LEU B 174 2.95 1.87 -29.65
CA LEU B 174 4.25 1.40 -29.16
C LEU B 174 4.08 0.36 -28.12
N PRO B 175 4.98 -0.65 -28.07
CA PRO B 175 4.81 -1.72 -27.11
C PRO B 175 4.95 -1.18 -25.67
N LYS B 176 4.02 -1.59 -24.80
CA LYS B 176 3.99 -1.22 -23.40
C LYS B 176 5.27 -1.67 -22.68
N ASN B 177 5.76 -2.86 -23.04
CA ASN B 177 6.94 -3.45 -22.37
C ASN B 177 8.28 -2.77 -22.70
N ASP B 178 8.29 -1.82 -23.65
CA ASP B 178 9.50 -1.09 -23.98
C ASP B 178 9.23 0.40 -24.26
N LEU B 179 8.21 0.97 -23.62
CA LEU B 179 7.65 2.23 -24.05
C LEU B 179 8.69 3.33 -23.93
N LEU B 180 9.37 3.41 -22.79
CA LEU B 180 10.30 4.50 -22.58
C LEU B 180 11.46 4.49 -23.60
N GLN B 181 12.06 3.33 -23.84
CA GLN B 181 13.14 3.22 -24.85
C GLN B 181 12.61 3.56 -26.25
N ARG B 182 11.42 3.10 -26.58
CA ARG B 182 10.83 3.46 -27.86
C ARG B 182 10.55 4.93 -28.03
N LEU B 183 10.08 5.59 -26.97
CA LEU B 183 9.87 7.05 -27.01
C LEU B 183 11.20 7.81 -27.13
N ASP B 184 12.19 7.39 -26.37
CA ASP B 184 13.55 8.01 -26.47
C ASP B 184 14.09 7.86 -27.90
N ALA B 185 13.88 6.71 -28.54
CA ALA B 185 14.36 6.49 -29.92
C ALA B 185 13.68 7.43 -30.90
N LEU B 186 12.34 7.58 -30.79
CA LEU B 186 11.61 8.54 -31.62
C LEU B 186 12.13 9.95 -31.49
N VAL B 187 12.39 10.36 -30.26
CA VAL B 187 12.91 11.69 -29.98
C VAL B 187 14.33 11.87 -30.60
N ALA B 188 15.16 10.82 -30.56
CA ALA B 188 16.50 10.88 -31.10
C ALA B 188 16.49 10.99 -32.63
N GLU B 189 15.57 10.29 -33.29
CA GLU B 189 15.54 10.23 -34.75
C GLU B 189 14.71 11.28 -35.49
N GLU B 190 13.83 12.02 -34.80
CA GLU B 190 12.72 12.76 -35.45
C GLU B 190 12.43 14.20 -35.00
N HIS B 191 13.14 14.79 -34.02
CA HIS B 191 12.71 16.07 -33.45
C HIS B 191 11.18 16.27 -33.25
N LEU B 192 10.71 15.53 -32.23
CA LEU B 192 9.38 15.57 -31.69
C LEU B 192 9.55 15.85 -30.15
N THR B 193 8.48 16.33 -29.53
CA THR B 193 8.43 16.44 -28.09
C THR B 193 7.43 15.41 -27.53
N VAL B 194 7.81 14.69 -26.49
CA VAL B 194 6.92 13.77 -25.85
C VAL B 194 6.20 14.54 -24.79
N ASP B 195 4.91 14.29 -24.65
CA ASP B 195 4.10 14.84 -23.56
C ASP B 195 4.53 14.33 -22.21
N ALA B 196 4.48 15.21 -21.21
CA ALA B 196 5.00 14.84 -19.86
C ALA B 196 4.22 13.74 -19.18
N ARG B 197 2.91 13.65 -19.44
CA ARG B 197 2.14 12.54 -18.90
C ARG B 197 2.50 11.21 -19.56
N VAL B 198 2.69 11.22 -20.89
CA VAL B 198 3.19 10.06 -21.58
C VAL B 198 4.55 9.57 -20.99
N TYR B 199 5.49 10.50 -20.85
CA TYR B 199 6.80 10.19 -20.35
C TYR B 199 6.72 9.70 -18.90
N SER B 200 5.88 10.31 -18.05
CA SER B 200 5.74 9.87 -16.66
C SER B 200 5.22 8.44 -16.58
N TYR B 201 4.22 8.14 -17.40
CA TYR B 201 3.68 6.80 -17.52
C TYR B 201 4.77 5.79 -17.95
N ALA B 202 5.52 6.14 -18.99
CA ALA B 202 6.61 5.28 -19.48
C ALA B 202 7.72 5.04 -18.45
N LEU B 203 8.11 6.08 -17.70
CA LEU B 203 9.06 5.93 -16.63
C LEU B 203 8.60 4.96 -15.59
N ALA B 204 7.37 5.14 -15.09
CA ALA B 204 6.83 4.24 -14.09
C ALA B 204 6.71 2.78 -14.58
N LEU B 205 6.42 2.54 -15.86
CA LEU B 205 6.46 1.14 -16.34
C LEU B 205 7.84 0.51 -16.12
N LYS B 206 8.90 1.27 -16.32
CA LYS B 206 10.26 0.82 -16.06
C LYS B 206 10.54 0.77 -14.56
N HIS B 207 10.18 1.80 -13.82
CA HIS B 207 10.45 1.86 -12.36
C HIS B 207 9.69 0.84 -11.51
N ALA B 208 8.60 0.29 -12.03
CA ALA B 208 7.82 -0.68 -11.25
C ALA B 208 8.61 -1.94 -10.87
N ASN B 209 9.61 -2.28 -11.67
CA ASN B 209 10.60 -3.31 -11.30
C ASN B 209 11.59 -2.67 -10.29
N GLN C 16 20.51 -7.87 10.35
CA GLN C 16 20.50 -9.37 10.32
C GLN C 16 19.94 -9.91 9.01
N TYR C 17 20.38 -11.09 8.63
CA TYR C 17 19.90 -11.70 7.38
C TYR C 17 20.20 -13.18 7.38
N ILE C 18 19.48 -13.88 6.50
CA ILE C 18 19.64 -15.31 6.31
C ILE C 18 20.86 -15.52 5.42
N ILE C 19 21.72 -16.46 5.83
CA ILE C 19 22.91 -16.88 5.07
C ILE C 19 22.58 -18.13 4.26
N SER C 20 22.01 -19.15 4.92
CA SER C 20 21.58 -20.36 4.20
C SER C 20 20.54 -21.15 4.98
N GLU C 21 19.84 -22.01 4.25
CA GLU C 21 18.78 -22.86 4.80
C GLU C 21 18.99 -24.31 4.33
N GLU C 22 19.49 -25.17 5.23
CA GLU C 22 19.78 -26.57 4.96
C GLU C 22 18.57 -27.43 5.35
N LEU C 23 18.07 -28.24 4.40
CA LEU C 23 17.01 -29.20 4.71
C LEU C 23 17.47 -30.28 5.69
N ILE C 24 16.64 -30.57 6.69
CA ILE C 24 16.89 -31.69 7.65
C ILE C 24 15.96 -32.88 7.40
N SER C 25 14.74 -32.64 6.93
CA SER C 25 13.78 -33.73 6.70
C SER C 25 12.49 -33.16 6.13
N GLU C 26 11.98 -33.75 5.07
CA GLU C 26 10.72 -33.33 4.46
C GLU C 26 9.68 -34.38 4.80
N GLY C 27 8.41 -33.99 4.76
CA GLY C 27 7.27 -34.90 4.87
C GLY C 27 6.29 -34.55 3.78
N LYS C 28 5.09 -35.12 3.82
CA LYS C 28 4.05 -34.79 2.82
C LYS C 28 3.50 -33.36 3.03
N TRP C 29 3.46 -32.91 4.29
CA TRP C 29 2.83 -31.63 4.65
C TRP C 29 3.73 -30.59 5.35
N VAL C 30 4.85 -31.02 5.96
CA VAL C 30 5.74 -30.17 6.77
C VAL C 30 7.21 -30.55 6.55
N LYS C 31 8.13 -29.58 6.61
CA LYS C 31 9.60 -29.83 6.59
C LYS C 31 10.34 -29.13 7.71
N LEU C 32 11.52 -29.62 8.02
CA LEU C 32 12.35 -29.11 9.11
C LEU C 32 13.68 -28.65 8.50
N GLU C 33 14.20 -27.48 8.86
CA GLU C 33 15.38 -26.86 8.21
C GLU C 33 16.34 -26.32 9.25
N LYS C 34 17.64 -26.34 8.96
CA LYS C 34 18.61 -25.63 9.79
C LYS C 34 18.90 -24.30 9.08
N THR C 35 18.64 -23.21 9.76
CA THR C 35 18.79 -21.87 9.20
C THR C 35 20.08 -21.29 9.74
N THR C 36 20.95 -20.78 8.85
CA THR C 36 22.16 -20.05 9.28
C THR C 36 21.93 -18.59 8.97
N TYR C 37 22.29 -17.73 9.92
CA TYR C 37 21.98 -16.31 9.79
C TYR C 37 23.05 -15.50 10.49
N MET C 38 23.10 -14.23 10.13
CA MET C 38 24.08 -13.29 10.66
C MET C 38 23.40 -12.45 11.72
N ASP C 39 23.93 -12.47 12.93
CA ASP C 39 23.38 -11.66 14.04
C ASP C 39 23.89 -10.23 13.93
N PRO C 40 23.37 -9.31 14.78
CA PRO C 40 23.72 -7.91 14.58
C PRO C 40 25.19 -7.52 14.86
N THR C 41 25.94 -8.38 15.57
CA THR C 41 27.37 -8.13 15.86
C THR C 41 28.33 -8.61 14.75
N GLY C 42 27.82 -9.26 13.70
CA GLY C 42 28.64 -9.91 12.67
C GLY C 42 28.95 -11.39 12.92
N LYS C 43 28.49 -11.96 14.04
CA LYS C 43 28.62 -13.38 14.34
C LYS C 43 27.55 -14.26 13.61
N THR C 44 28.03 -15.34 13.00
CA THR C 44 27.16 -16.34 12.37
C THR C 44 26.49 -17.22 13.46
N ARG C 45 25.19 -17.49 13.32
CA ARG C 45 24.46 -18.38 14.25
C ARG C 45 23.50 -19.28 13.48
N THR C 46 22.98 -20.30 14.16
CA THR C 46 22.05 -21.25 13.53
C THR C 46 20.72 -21.36 14.28
N TRP C 47 19.72 -21.96 13.65
CA TRP C 47 18.35 -22.03 14.21
C TRP C 47 17.58 -23.18 13.52
N GLU C 48 16.82 -23.95 14.28
CA GLU C 48 15.98 -24.98 13.67
C GLU C 48 14.58 -24.43 13.43
N SER C 49 14.12 -24.53 12.18
CA SER C 49 12.92 -23.89 11.68
C SER C 49 12.00 -24.88 10.99
N VAL C 50 10.70 -24.63 11.05
CA VAL C 50 9.70 -25.52 10.45
C VAL C 50 9.02 -24.76 9.35
N LYS C 51 8.72 -25.41 8.21
CA LYS C 51 7.93 -24.81 7.14
C LYS C 51 6.89 -25.78 6.62
N ARG C 52 5.74 -25.29 6.18
CA ARG C 52 4.74 -26.16 5.50
C ARG C 52 5.20 -26.35 4.06
N THR C 53 4.80 -27.46 3.45
CA THR C 53 5.14 -27.74 2.05
C THR C 53 4.07 -27.28 1.07
N THR C 54 2.96 -26.75 1.57
CA THR C 54 1.75 -26.57 0.77
C THR C 54 1.60 -25.17 0.16
N ARG C 55 2.46 -24.20 0.46
CA ARG C 55 2.19 -22.83 -0.01
C ARG C 55 2.53 -22.65 -1.51
N LYS C 56 1.64 -21.96 -2.24
CA LYS C 56 1.80 -21.68 -3.68
C LYS C 56 2.19 -20.22 -3.88
N GLN C 58 0.00 -18.03 -2.90
CA GLN C 58 -0.81 -17.53 -1.84
C GLN C 58 -0.10 -16.40 -1.06
N THR C 59 -0.91 -15.44 -0.58
CA THR C 59 -0.43 -14.36 0.27
C THR C 59 -0.02 -14.87 1.67
N ALA C 60 -0.44 -16.10 1.98
CA ALA C 60 -0.32 -16.71 3.31
C ALA C 60 -0.81 -18.17 3.20
N ASP C 61 -0.46 -19.00 4.18
CA ASP C 61 -0.97 -20.38 4.21
C ASP C 61 -2.49 -20.46 4.37
N GLY C 62 -2.99 -19.68 5.32
CA GLY C 62 -4.39 -19.83 5.75
C GLY C 62 -5.07 -18.52 6.09
N VAL C 63 -6.32 -18.70 6.48
CA VAL C 63 -7.11 -17.63 7.07
C VAL C 63 -7.67 -18.12 8.40
N ALA C 64 -7.85 -17.20 9.31
CA ALA C 64 -8.66 -17.40 10.52
C ALA C 64 -9.75 -16.34 10.46
N VAL C 65 -10.96 -16.71 10.81
CA VAL C 65 -12.10 -15.83 10.70
C VAL C 65 -12.54 -15.43 12.12
N ILE C 66 -12.69 -14.13 12.34
CA ILE C 66 -13.33 -13.61 13.53
C ILE C 66 -14.79 -13.32 13.19
N PRO C 67 -15.69 -14.26 13.57
CA PRO C 67 -17.05 -14.15 13.11
C PRO C 67 -17.94 -13.53 14.20
N VAL C 68 -18.44 -12.35 13.90
CA VAL C 68 -19.27 -11.59 14.82
C VAL C 68 -20.76 -11.76 14.44
N LEU C 69 -21.43 -12.59 15.23
CA LEU C 69 -22.85 -12.81 15.05
C LEU C 69 -23.67 -11.67 15.66
N GLN C 70 -24.37 -10.95 14.78
CA GLN C 70 -25.10 -9.74 15.08
C GLN C 70 -26.60 -10.00 14.94
N ARG C 71 -27.34 -9.72 16.02
CA ARG C 71 -28.78 -9.90 16.07
C ARG C 71 -29.45 -8.70 16.71
N THR C 72 -30.63 -8.35 16.25
CA THR C 72 -31.33 -7.21 16.77
C THR C 72 -31.63 -7.27 18.25
N LEU C 73 -32.11 -8.40 18.77
CA LEU C 73 -32.54 -8.47 20.15
C LEU C 73 -31.37 -8.65 21.10
N HIS C 74 -30.11 -8.81 20.62
CA HIS C 74 -29.10 -9.52 21.38
C HIS C 74 -27.75 -8.86 21.40
N TYR C 75 -26.99 -9.15 22.44
CA TYR C 75 -25.56 -8.85 22.42
C TYR C 75 -24.83 -9.65 21.34
N GLU C 76 -23.79 -9.06 20.80
CA GLU C 76 -22.94 -9.75 19.79
C GLU C 76 -22.32 -10.97 20.37
N CYS C 77 -22.20 -12.01 19.54
CA CYS C 77 -21.49 -13.23 19.87
C CYS C 77 -20.32 -13.41 18.95
N ILE C 78 -19.32 -14.13 19.45
CA ILE C 78 -18.14 -14.51 18.65
C ILE C 78 -18.39 -15.99 18.41
N VAL C 79 -18.40 -16.43 17.16
CA VAL C 79 -18.61 -17.81 16.79
C VAL C 79 -17.24 -18.52 16.73
N LEU C 80 -17.09 -19.61 17.49
CA LEU C 80 -15.88 -20.39 17.55
C LEU C 80 -16.18 -21.84 17.20
N VAL C 81 -15.13 -22.64 16.99
CA VAL C 81 -15.28 -24.05 16.67
C VAL C 81 -14.39 -24.89 17.58
N LYS C 82 -14.89 -26.06 17.94
CA LYS C 82 -14.15 -27.02 18.77
C LYS C 82 -13.95 -28.26 17.88
N GLN C 83 -12.70 -28.72 17.83
CA GLN C 83 -12.33 -29.91 17.09
C GLN C 83 -11.21 -30.63 17.79
N PHE C 84 -11.15 -31.95 17.55
CA PHE C 84 -9.99 -32.75 17.91
C PHE C 84 -8.81 -32.40 17.02
N ARG C 85 -7.68 -32.07 17.64
CA ARG C 85 -6.45 -31.74 16.93
C ARG C 85 -5.37 -32.78 17.26
N PRO C 86 -5.04 -33.62 16.26
CA PRO C 86 -4.08 -34.69 16.51
C PRO C 86 -2.72 -34.27 17.10
N PRO C 87 -2.12 -33.15 16.63
CA PRO C 87 -0.87 -32.74 17.27
C PRO C 87 -0.97 -32.45 18.77
N MET C 88 -2.12 -31.93 19.21
CA MET C 88 -2.35 -31.64 20.63
C MET C 88 -2.85 -32.89 21.41
N GLY C 89 -3.31 -33.90 20.70
CA GLY C 89 -3.88 -35.08 21.36
C GLY C 89 -5.16 -34.79 22.08
N GLY C 90 -5.89 -33.75 21.66
CA GLY C 90 -7.09 -33.38 22.39
C GLY C 90 -7.83 -32.32 21.63
N TYR C 91 -8.85 -31.82 22.29
CA TYR C 91 -9.80 -30.91 21.72
C TYR C 91 -9.34 -29.46 21.94
N CYS C 92 -9.54 -28.61 20.91
CA CYS C 92 -9.09 -27.23 20.92
C CYS C 92 -10.22 -26.35 20.49
N ILE C 93 -10.31 -25.16 21.08
CA ILE C 93 -11.32 -24.17 20.72
C ILE C 93 -10.63 -23.07 19.93
N GLU C 94 -11.09 -22.82 18.72
CA GLU C 94 -10.40 -21.90 17.78
C GLU C 94 -11.38 -21.04 17.00
N PHE C 95 -10.85 -19.98 16.38
CA PHE C 95 -11.59 -19.25 15.36
C PHE C 95 -11.76 -20.23 14.18
N PRO C 96 -12.90 -20.21 13.52
CA PRO C 96 -12.97 -20.93 12.25
C PRO C 96 -11.81 -20.53 11.33
N ALA C 97 -11.22 -21.51 10.65
CA ALA C 97 -9.95 -21.38 9.97
C ALA C 97 -9.66 -22.52 9.03
N GLY C 98 -8.94 -22.19 7.96
CA GLY C 98 -8.40 -23.22 7.08
C GLY C 98 -7.47 -22.65 6.03
N LEU C 99 -6.94 -23.54 5.20
CA LEU C 99 -5.96 -23.12 4.19
C LEU C 99 -6.68 -22.45 3.01
N ILE C 100 -5.99 -21.51 2.39
CA ILE C 100 -6.47 -20.81 1.22
C ILE C 100 -6.21 -21.72 0.00
N ASP C 101 -7.24 -21.98 -0.80
CA ASP C 101 -7.09 -22.78 -2.03
C ASP C 101 -6.29 -22.03 -3.10
N ASP C 102 -5.62 -22.79 -3.99
CA ASP C 102 -4.96 -22.23 -5.19
C ASP C 102 -5.93 -21.32 -5.97
N GLY C 103 -5.55 -20.06 -6.19
CA GLY C 103 -6.39 -19.09 -6.90
C GLY C 103 -7.45 -18.33 -6.09
N GLU C 104 -7.64 -18.73 -4.84
CA GLU C 104 -8.68 -18.16 -3.98
C GLU C 104 -8.10 -16.93 -3.29
N THR C 105 -8.88 -15.88 -3.19
CA THR C 105 -8.50 -14.72 -2.37
C THR C 105 -8.69 -15.07 -0.84
N PRO C 106 -7.94 -14.41 0.06
CA PRO C 106 -8.19 -14.62 1.51
C PRO C 106 -9.66 -14.43 1.91
N GLU C 107 -10.28 -13.37 1.38
CA GLU C 107 -11.66 -13.06 1.68
C GLU C 107 -12.62 -14.16 1.30
N ALA C 108 -12.39 -14.77 0.15
CA ALA C 108 -13.29 -15.79 -0.36
C ALA C 108 -13.09 -17.09 0.46
N ALA C 109 -11.84 -17.37 0.80
CA ALA C 109 -11.50 -18.47 1.65
C ALA C 109 -12.13 -18.34 3.06
N ALA C 110 -12.09 -17.13 3.62
CA ALA C 110 -12.70 -16.82 4.89
C ALA C 110 -14.20 -17.13 4.88
N LEU C 111 -14.91 -16.59 3.91
CA LEU C 111 -16.34 -16.84 3.80
C LEU C 111 -16.68 -18.30 3.54
N ARG C 112 -15.85 -18.96 2.72
CA ARG C 112 -16.03 -20.37 2.44
C ARG C 112 -15.80 -21.23 3.69
N GLU C 113 -14.66 -21.03 4.33
CA GLU C 113 -14.36 -21.81 5.53
C GLU C 113 -15.39 -21.54 6.68
N LEU C 114 -15.84 -20.31 6.81
CA LEU C 114 -16.87 -20.00 7.79
C LEU C 114 -18.18 -20.76 7.49
N GLU C 115 -18.62 -20.74 6.24
CA GLU C 115 -19.85 -21.48 5.88
C GLU C 115 -19.67 -22.97 6.08
N GLU C 116 -18.54 -23.51 5.61
CA GLU C 116 -18.24 -24.92 5.82
C GLU C 116 -18.23 -25.37 7.27
N GLU C 117 -17.56 -24.60 8.11
CA GLU C 117 -17.29 -25.04 9.48
C GLU C 117 -18.43 -24.71 10.45
N THR C 118 -19.21 -23.69 10.15
CA THR C 118 -20.27 -23.22 11.02
C THR C 118 -21.67 -23.20 10.45
N GLY C 119 -21.79 -23.26 9.12
CA GLY C 119 -23.05 -23.01 8.45
C GLY C 119 -23.45 -21.57 8.26
N TYR C 120 -22.73 -20.59 8.88
CA TYR C 120 -23.16 -19.20 8.73
C TYR C 120 -22.68 -18.58 7.41
N LYS C 121 -23.52 -17.71 6.87
CA LYS C 121 -23.18 -16.91 5.68
C LYS C 121 -22.92 -15.48 6.15
N GLY C 122 -21.70 -15.04 6.01
CA GLY C 122 -21.22 -13.79 6.52
C GLY C 122 -20.89 -12.78 5.46
N ASP C 123 -20.51 -11.58 5.91
CA ASP C 123 -20.07 -10.49 5.06
C ASP C 123 -18.67 -10.03 5.53
N ILE C 124 -17.77 -9.77 4.60
CA ILE C 124 -16.42 -9.29 4.97
C ILE C 124 -16.49 -7.92 5.63
N ALA C 125 -15.85 -7.74 6.76
CA ALA C 125 -15.67 -6.41 7.37
C ALA C 125 -14.27 -5.86 7.19
N GLU C 126 -13.25 -6.69 7.41
CA GLU C 126 -11.84 -6.21 7.43
C GLU C 126 -10.96 -7.44 7.21
N CYS C 127 -9.79 -7.25 6.58
CA CYS C 127 -8.82 -8.31 6.31
C CYS C 127 -7.42 -7.83 6.68
N SER C 128 -6.70 -8.60 7.48
CA SER C 128 -5.37 -8.23 7.95
C SER C 128 -4.34 -8.49 6.88
N PRO C 129 -3.16 -7.86 7.01
CA PRO C 129 -2.02 -8.38 6.22
C PRO C 129 -1.64 -9.79 6.73
N ALA C 130 -0.71 -10.46 6.06
CA ALA C 130 -0.22 -11.77 6.53
C ALA C 130 0.46 -11.62 7.86
N VAL C 131 0.04 -12.44 8.84
CA VAL C 131 0.55 -12.38 10.22
C VAL C 131 1.13 -13.74 10.59
N CYS C 132 2.15 -13.76 11.45
CA CYS C 132 2.88 -14.99 11.73
C CYS C 132 2.25 -15.77 12.90
N MET C 133 2.21 -17.09 12.73
CA MET C 133 1.63 -17.98 13.72
C MET C 133 2.52 -18.30 14.93
N ASP C 134 3.79 -18.59 14.67
CA ASP C 134 4.73 -18.90 15.76
C ASP C 134 6.15 -18.61 15.27
N PRO C 135 6.55 -17.32 15.21
CA PRO C 135 7.70 -16.95 14.37
C PRO C 135 9.06 -17.41 14.91
N GLY C 136 9.16 -17.74 16.20
CA GLY C 136 10.34 -18.38 16.76
C GLY C 136 10.54 -19.83 16.30
N LEU C 137 9.53 -20.41 15.64
CA LEU C 137 9.53 -21.81 15.23
C LEU C 137 9.22 -22.02 13.78
N SER C 138 8.21 -21.38 13.21
CA SER C 138 7.83 -21.64 11.81
C SER C 138 7.68 -20.36 11.02
N ASN C 139 7.53 -20.53 9.72
CA ASN C 139 7.23 -19.43 8.82
C ASN C 139 5.72 -19.33 8.53
N CYS C 140 4.88 -20.09 9.25
CA CYS C 140 3.44 -20.17 8.89
C CYS C 140 2.75 -18.81 9.05
N THR C 141 1.92 -18.46 8.07
CA THR C 141 1.20 -17.18 8.12
C THR C 141 -0.29 -17.35 7.81
N ILE C 142 -1.07 -16.40 8.33
CA ILE C 142 -2.50 -16.34 7.98
C ILE C 142 -2.92 -14.91 7.72
N HIS C 143 -4.05 -14.78 7.07
CA HIS C 143 -4.82 -13.53 7.17
C HIS C 143 -5.90 -13.72 8.22
N ILE C 144 -6.06 -12.75 9.12
CA ILE C 144 -7.14 -12.71 10.06
C ILE C 144 -8.22 -11.85 9.42
N VAL C 145 -9.36 -12.45 9.19
CA VAL C 145 -10.43 -11.80 8.46
C VAL C 145 -11.62 -11.65 9.42
N THR C 146 -12.02 -10.41 9.66
CA THR C 146 -13.20 -10.09 10.44
C THR C 146 -14.43 -10.12 9.55
N VAL C 147 -15.44 -10.89 9.99
CA VAL C 147 -16.67 -11.15 9.24
C VAL C 147 -17.89 -10.93 10.13
N THR C 148 -18.87 -10.15 9.67
CA THR C 148 -20.13 -9.96 10.39
C THR C 148 -21.17 -10.93 9.83
N ILE C 149 -21.96 -11.52 10.73
CA ILE C 149 -23.02 -12.43 10.37
C ILE C 149 -24.33 -11.81 10.78
N ASN C 150 -25.22 -11.59 9.82
CA ASN C 150 -26.58 -11.14 10.13
C ASN C 150 -27.39 -12.33 10.61
N GLY C 151 -27.46 -12.48 11.94
CA GLY C 151 -28.15 -13.58 12.57
C GLY C 151 -29.65 -13.57 12.49
N ASP C 152 -30.23 -12.45 12.09
CA ASP C 152 -31.69 -12.34 11.93
C ASP C 152 -32.13 -12.68 10.52
N ASP C 153 -31.23 -12.69 9.53
CA ASP C 153 -31.58 -13.03 8.16
C ASP C 153 -32.02 -14.48 8.11
N ALA C 154 -33.10 -14.78 7.36
CA ALA C 154 -33.63 -16.14 7.28
C ALA C 154 -32.57 -17.15 6.77
N GLU C 155 -31.61 -16.68 5.95
CA GLU C 155 -30.56 -17.58 5.44
C GLU C 155 -29.67 -18.14 6.55
N ASN C 156 -29.59 -17.43 7.68
CA ASN C 156 -28.80 -17.85 8.85
C ASN C 156 -29.65 -18.42 10.00
N ALA C 157 -30.90 -18.81 9.68
CA ALA C 157 -31.85 -19.21 10.72
C ALA C 157 -31.45 -20.52 11.39
N ARG C 158 -31.27 -21.57 10.58
CA ARG C 158 -30.93 -22.87 11.05
C ARG C 158 -29.68 -23.27 10.26
N PRO C 159 -28.52 -22.68 10.62
CA PRO C 159 -27.31 -22.95 9.85
C PRO C 159 -26.80 -24.39 10.07
N LYS C 160 -26.49 -25.08 8.97
CA LYS C 160 -25.92 -26.46 9.04
C LYS C 160 -24.49 -26.40 8.52
N PRO C 161 -23.50 -26.81 9.34
CA PRO C 161 -22.14 -26.92 8.82
C PRO C 161 -22.08 -27.91 7.65
N LYS C 162 -21.21 -27.63 6.66
CA LYS C 162 -20.91 -28.57 5.56
C LYS C 162 -19.41 -28.90 5.63
N PRO C 163 -19.00 -29.68 6.63
CA PRO C 163 -17.58 -29.97 6.77
C PRO C 163 -17.07 -30.87 5.64
N GLY C 164 -15.80 -30.71 5.27
CA GLY C 164 -15.14 -31.58 4.32
C GLY C 164 -14.76 -32.91 4.93
N ASP C 165 -14.13 -33.75 4.13
CA ASP C 165 -13.70 -35.08 4.56
C ASP C 165 -12.67 -34.95 5.67
N GLY C 166 -12.89 -35.70 6.75
CA GLY C 166 -11.98 -35.65 7.91
C GLY C 166 -12.12 -34.45 8.86
N GLU C 167 -13.11 -33.58 8.62
CA GLU C 167 -13.38 -32.42 9.47
C GLU C 167 -14.58 -32.71 10.33
N PHE C 168 -14.40 -32.58 11.62
CA PHE C 168 -15.49 -32.80 12.59
C PHE C 168 -15.49 -31.60 13.54
N VAL C 169 -16.54 -30.81 13.44
CA VAL C 169 -16.59 -29.51 14.07
C VAL C 169 -17.83 -29.40 14.90
N GLU C 170 -17.70 -28.85 16.10
CA GLU C 170 -18.82 -28.40 16.93
C GLU C 170 -18.72 -26.89 17.04
N VAL C 171 -19.83 -26.20 16.85
CA VAL C 171 -19.90 -24.76 16.83
C VAL C 171 -20.25 -24.28 18.24
N ILE C 172 -19.49 -23.31 18.75
CA ILE C 172 -19.75 -22.69 20.04
C ILE C 172 -19.77 -21.16 19.86
N SER C 173 -20.91 -20.51 20.05
CA SER C 173 -21.05 -19.06 20.03
C SER C 173 -21.06 -18.50 21.44
N LEU C 174 -20.17 -17.55 21.72
CA LEU C 174 -20.06 -16.98 23.06
C LEU C 174 -20.22 -15.49 22.99
N PRO C 175 -20.84 -14.87 24.01
CA PRO C 175 -21.03 -13.42 23.99
C PRO C 175 -19.70 -12.68 24.00
N LYS C 176 -19.58 -11.68 23.15
CA LYS C 176 -18.36 -10.84 23.04
C LYS C 176 -18.10 -10.10 24.38
N ASN C 177 -19.18 -9.67 25.03
CA ASN C 177 -19.11 -8.92 26.29
C ASN C 177 -18.71 -9.76 27.52
N ASP C 178 -18.58 -11.06 27.35
CA ASP C 178 -18.13 -11.92 28.43
C ASP C 178 -17.17 -13.04 27.98
N LEU C 179 -16.41 -12.79 26.90
CA LEU C 179 -15.78 -13.87 26.18
C LEU C 179 -14.79 -14.65 27.08
N LEU C 180 -13.91 -13.90 27.74
CA LEU C 180 -12.88 -14.50 28.51
C LEU C 180 -13.44 -15.35 29.66
N GLN C 181 -14.41 -14.85 30.41
CA GLN C 181 -15.00 -15.64 31.50
C GLN C 181 -15.70 -16.92 30.94
N ARG C 182 -16.40 -16.77 29.83
CA ARG C 182 -17.02 -17.93 29.22
C ARG C 182 -16.03 -18.97 28.73
N LEU C 183 -14.89 -18.53 28.16
CA LEU C 183 -13.83 -19.46 27.77
C LEU C 183 -13.17 -20.14 28.99
N ASP C 184 -12.91 -19.37 30.04
CA ASP C 184 -12.34 -19.95 31.29
C ASP C 184 -13.30 -21.01 31.86
N ALA C 185 -14.62 -20.77 31.79
CA ALA C 185 -15.60 -21.75 32.30
C ALA C 185 -15.56 -23.05 31.50
N LEU C 186 -15.52 -22.95 30.17
CA LEU C 186 -15.37 -24.14 29.30
C LEU C 186 -14.13 -24.95 29.62
N VAL C 187 -13.03 -24.26 29.83
CA VAL C 187 -11.75 -24.90 30.17
C VAL C 187 -11.85 -25.60 31.56
N ALA C 188 -12.57 -25.00 32.50
CA ALA C 188 -12.72 -25.57 33.85
C ALA C 188 -13.57 -26.84 33.81
N GLU C 189 -14.61 -26.86 32.98
CA GLU C 189 -15.53 -28.00 32.93
C GLU C 189 -15.17 -29.16 31.98
N GLU C 190 -14.26 -28.97 31.02
CA GLU C 190 -13.87 -29.94 30.01
C GLU C 190 -12.34 -29.87 29.82
N HIS C 191 -11.51 -30.95 29.62
CA HIS C 191 -10.14 -30.69 29.26
C HIS C 191 -10.19 -30.31 27.80
N LEU C 192 -9.84 -29.09 27.54
CA LEU C 192 -9.71 -28.57 26.20
C LEU C 192 -8.76 -27.40 26.27
N THR C 193 -8.16 -27.06 25.13
CA THR C 193 -7.17 -25.98 25.06
C THR C 193 -7.75 -24.84 24.22
N VAL C 194 -7.57 -23.61 24.69
CA VAL C 194 -8.05 -22.47 23.93
C VAL C 194 -6.87 -22.06 23.06
N ASP C 195 -7.16 -21.71 21.82
CA ASP C 195 -6.17 -21.14 20.89
C ASP C 195 -5.64 -19.81 21.37
N ALA C 196 -4.35 -19.57 21.19
CA ALA C 196 -3.71 -18.35 21.65
C ALA C 196 -4.28 -17.07 21.05
N ARG C 197 -4.68 -17.13 19.79
CA ARG C 197 -5.30 -15.97 19.16
C ARG C 197 -6.69 -15.69 19.74
N VAL C 198 -7.48 -16.74 19.98
CA VAL C 198 -8.74 -16.57 20.66
C VAL C 198 -8.56 -15.92 22.07
N TYR C 199 -7.64 -16.45 22.86
CA TYR C 199 -7.40 -15.97 24.20
C TYR C 199 -6.88 -14.52 24.17
N SER C 200 -5.99 -14.20 23.23
CA SER C 200 -5.49 -12.79 23.12
C SER C 200 -6.60 -11.84 22.81
N TYR C 201 -7.46 -12.24 21.89
CA TYR C 201 -8.65 -11.46 21.54
C TYR C 201 -9.55 -11.26 22.75
N ALA C 202 -9.83 -12.34 23.48
CA ALA C 202 -10.66 -12.26 24.70
C ALA C 202 -10.07 -11.34 25.79
N LEU C 203 -8.76 -11.42 26.02
CA LEU C 203 -8.09 -10.55 26.96
C LEU C 203 -8.26 -9.08 26.58
N ALA C 204 -7.99 -8.75 25.32
CA ALA C 204 -8.16 -7.38 24.86
C ALA C 204 -9.61 -6.86 24.95
N LEU C 205 -10.62 -7.72 24.74
CA LEU C 205 -12.00 -7.26 24.95
C LEU C 205 -12.18 -6.79 26.44
N LYS C 206 -11.58 -7.52 27.38
CA LYS C 206 -11.65 -7.14 28.78
C LYS C 206 -10.75 -5.93 29.07
N HIS C 207 -9.52 -5.90 28.53
CA HIS C 207 -8.60 -4.78 28.81
C HIS C 207 -9.02 -3.45 28.20
N ALA C 208 -9.90 -3.48 27.20
CA ALA C 208 -10.31 -2.21 26.57
C ALA C 208 -11.16 -1.39 27.52
N LYS D 15 -14.78 -39.08 22.38
CA LYS D 15 -15.09 -39.78 21.09
C LYS D 15 -13.84 -40.08 20.24
N GLN D 16 -13.01 -39.08 19.97
CA GLN D 16 -11.71 -39.26 19.25
C GLN D 16 -10.54 -39.46 20.19
N TYR D 17 -9.49 -40.11 19.70
CA TYR D 17 -8.31 -40.35 20.51
C TYR D 17 -7.14 -40.70 19.65
N ILE D 18 -5.95 -40.56 20.24
CA ILE D 18 -4.69 -40.90 19.62
C ILE D 18 -4.51 -42.41 19.75
N ILE D 19 -4.15 -43.05 18.65
CA ILE D 19 -3.87 -44.50 18.58
C ILE D 19 -2.35 -44.72 18.72
N SER D 20 -1.57 -44.01 17.91
CA SER D 20 -0.10 -44.08 18.01
C SER D 20 0.60 -42.90 17.40
N GLU D 21 1.86 -42.72 17.79
CA GLU D 21 2.71 -41.63 17.30
C GLU D 21 4.05 -42.20 16.84
N GLU D 22 4.27 -42.25 15.52
CA GLU D 22 5.53 -42.70 14.92
C GLU D 22 6.46 -41.51 14.69
N LEU D 23 7.67 -41.55 15.23
CA LEU D 23 8.69 -40.52 14.95
C LEU D 23 9.13 -40.59 13.48
N ILE D 24 9.19 -39.44 12.79
CA ILE D 24 9.70 -39.34 11.41
C ILE D 24 11.10 -38.74 11.35
N SER D 25 11.44 -37.82 12.25
CA SER D 25 12.76 -37.19 12.24
C SER D 25 12.90 -36.26 13.43
N GLU D 26 14.00 -36.38 14.18
CA GLU D 26 14.28 -35.53 15.33
C GLU D 26 15.36 -34.53 14.91
N GLY D 27 15.45 -33.42 15.62
CA GLY D 27 16.50 -32.43 15.45
C GLY D 27 16.98 -32.03 16.82
N LYS D 28 17.80 -30.98 16.90
CA LYS D 28 18.34 -30.52 18.18
C LYS D 28 17.28 -29.86 19.06
N TRP D 29 16.28 -29.22 18.44
CA TRP D 29 15.21 -28.52 19.15
C TRP D 29 13.75 -29.00 18.86
N VAL D 30 13.52 -29.69 17.74
CA VAL D 30 12.18 -29.92 17.16
C VAL D 30 12.11 -31.29 16.47
N LYS D 31 10.97 -31.98 16.53
CA LYS D 31 10.76 -33.27 15.85
C LYS D 31 9.46 -33.30 15.04
N LEU D 32 9.39 -34.21 14.09
CA LEU D 32 8.26 -34.39 13.21
C LEU D 32 7.71 -35.82 13.43
N GLU D 33 6.39 -35.99 13.56
CA GLU D 33 5.77 -37.27 13.93
C GLU D 33 4.57 -37.58 13.04
N LYS D 34 4.33 -38.86 12.76
CA LYS D 34 3.09 -39.26 12.10
C LYS D 34 2.16 -39.76 13.22
N THR D 35 1.01 -39.10 13.35
CA THR D 35 0.06 -39.39 14.41
C THR D 35 -1.06 -40.20 13.80
N THR D 36 -1.41 -41.32 14.42
CA THR D 36 -2.58 -42.10 14.01
C THR D 36 -3.65 -41.92 15.06
N TYR D 37 -4.89 -41.70 14.62
CA TYR D 37 -5.96 -41.37 15.53
C TYR D 37 -7.26 -41.90 15.00
N MET D 38 -8.23 -42.01 15.91
CA MET D 38 -9.55 -42.52 15.60
C MET D 38 -10.50 -41.36 15.46
N ASP D 39 -11.14 -41.24 14.30
CA ASP D 39 -12.13 -40.17 14.07
C ASP D 39 -13.46 -40.57 14.70
N PRO D 40 -14.43 -39.65 14.74
CA PRO D 40 -15.67 -39.98 15.48
C PRO D 40 -16.57 -41.06 14.84
N THR D 41 -16.35 -41.39 13.56
CA THR D 41 -17.12 -42.45 12.86
C THR D 41 -16.56 -43.86 13.08
N GLY D 42 -15.42 -44.00 13.77
CA GLY D 42 -14.70 -45.27 13.89
C GLY D 42 -13.64 -45.51 12.79
N LYS D 43 -13.44 -44.56 11.88
CA LYS D 43 -12.35 -44.64 10.88
C LYS D 43 -10.98 -44.17 11.46
N THR D 44 -9.95 -44.98 11.23
CA THR D 44 -8.57 -44.65 11.56
C THR D 44 -8.02 -43.64 10.54
N ARG D 45 -7.32 -42.60 11.00
CA ARG D 45 -6.72 -41.60 10.10
C ARG D 45 -5.35 -41.21 10.61
N THR D 46 -4.58 -40.52 9.77
CA THR D 46 -3.25 -40.07 10.13
C THR D 46 -3.06 -38.55 10.00
N TRP D 47 -2.00 -38.02 10.59
CA TRP D 47 -1.72 -36.58 10.65
C TRP D 47 -0.23 -36.35 10.88
N GLU D 48 0.35 -35.38 10.19
CA GLU D 48 1.73 -35.00 10.44
C GLU D 48 1.78 -33.86 11.44
N SER D 49 2.53 -34.05 12.50
CA SER D 49 2.56 -33.18 13.68
C SER D 49 3.99 -32.79 14.00
N VAL D 50 4.17 -31.61 14.54
CA VAL D 50 5.46 -31.10 14.95
C VAL D 50 5.46 -30.95 16.44
N LYS D 51 6.56 -31.32 17.11
CA LYS D 51 6.69 -31.10 18.56
C LYS D 51 8.08 -30.55 18.89
N ARG D 52 8.20 -29.72 19.91
CA ARG D 52 9.49 -29.28 20.42
C ARG D 52 9.98 -30.40 21.33
N THR D 53 11.31 -30.48 21.46
CA THR D 53 11.97 -31.48 22.36
C THR D 53 12.50 -30.84 23.65
N THR D 54 11.55 -30.23 24.33
CA THR D 54 11.81 -29.68 25.66
C THR D 54 10.50 -29.38 26.38
N ALA D 60 3.65 -25.60 30.11
CA ALA D 60 3.71 -25.05 28.76
C ALA D 60 5.17 -24.80 28.34
N ASP D 61 5.42 -24.70 27.04
CA ASP D 61 6.76 -24.37 26.56
C ASP D 61 7.24 -22.96 27.01
N GLY D 62 6.37 -21.98 26.83
CA GLY D 62 6.77 -20.58 27.02
C GLY D 62 5.72 -19.69 27.68
N VAL D 63 6.11 -18.43 27.81
CA VAL D 63 5.22 -17.37 28.20
C VAL D 63 5.32 -16.26 27.17
N ALA D 64 4.21 -15.53 27.00
CA ALA D 64 4.17 -14.25 26.27
C ALA D 64 3.61 -13.24 27.25
N VAL D 65 4.16 -12.04 27.27
CA VAL D 65 3.75 -11.04 28.24
C VAL D 65 2.99 -9.92 27.53
N ILE D 66 1.84 -9.56 28.06
CA ILE D 66 1.11 -8.37 27.64
C ILE D 66 1.44 -7.26 28.63
N PRO D 67 2.38 -6.39 28.26
CA PRO D 67 2.88 -5.41 29.23
C PRO D 67 2.22 -4.03 29.05
N VAL D 68 1.45 -3.63 30.05
CA VAL D 68 0.72 -2.37 30.02
C VAL D 68 1.44 -1.30 30.86
N LEU D 69 2.12 -0.40 30.18
CA LEU D 69 2.76 0.74 30.87
C LEU D 69 1.76 1.84 31.29
N GLN D 70 1.59 2.02 32.59
CA GLN D 70 0.58 2.89 33.19
C GLN D 70 1.24 4.06 33.92
N ARG D 71 0.80 5.28 33.65
CA ARG D 71 1.23 6.48 34.44
C ARG D 71 0.00 7.34 34.68
N THR D 72 -0.06 7.93 35.89
CA THR D 72 -1.20 8.79 36.18
C THR D 72 -1.21 10.01 35.23
N LEU D 73 -2.40 10.36 34.80
CA LEU D 73 -2.59 11.50 33.89
C LEU D 73 -2.07 11.25 32.45
N HIS D 74 -1.86 9.99 32.09
CA HIS D 74 -1.33 9.62 30.76
C HIS D 74 -2.10 8.46 30.14
N TYR D 75 -2.05 8.38 28.82
CA TYR D 75 -2.51 7.21 28.09
C TYR D 75 -1.65 5.98 28.44
N GLU D 76 -2.26 4.80 28.41
CA GLU D 76 -1.55 3.53 28.51
C GLU D 76 -0.85 3.21 27.22
N CYS D 77 0.33 2.62 27.32
CA CYS D 77 1.06 2.05 26.16
C CYS D 77 1.20 0.53 26.39
N ILE D 78 1.30 -0.16 25.27
CA ILE D 78 1.54 -1.58 25.25
C ILE D 78 2.97 -1.69 24.78
N VAL D 79 3.78 -2.41 25.55
CA VAL D 79 5.22 -2.54 25.24
C VAL D 79 5.43 -3.81 24.39
N LEU D 80 6.03 -3.66 23.24
CA LEU D 80 6.29 -4.75 22.30
C LEU D 80 7.77 -4.82 21.98
N VAL D 81 8.20 -5.89 21.31
CA VAL D 81 9.59 -6.06 20.92
C VAL D 81 9.70 -6.44 19.46
N LYS D 82 10.75 -5.94 18.81
CA LYS D 82 11.07 -6.28 17.43
C LYS D 82 12.38 -7.04 17.44
N GLN D 83 12.45 -8.16 16.74
CA GLN D 83 13.67 -8.94 16.58
C GLN D 83 13.60 -9.72 15.26
N PHE D 84 14.79 -10.05 14.74
CA PHE D 84 14.93 -10.91 13.58
C PHE D 84 14.58 -12.36 13.97
N ARG D 85 13.68 -12.97 13.22
CA ARG D 85 13.28 -14.37 13.43
C ARG D 85 13.70 -15.23 12.24
N PRO D 86 14.71 -16.09 12.47
CA PRO D 86 15.22 -16.92 11.40
C PRO D 86 14.22 -17.76 10.63
N PRO D 87 13.24 -18.40 11.31
CA PRO D 87 12.25 -19.15 10.52
C PRO D 87 11.43 -18.28 9.54
N MET D 88 11.18 -17.03 9.91
CA MET D 88 10.46 -16.10 9.04
C MET D 88 11.38 -15.41 8.02
N GLY D 89 12.69 -15.45 8.23
CA GLY D 89 13.61 -14.73 7.38
C GLY D 89 13.43 -13.22 7.44
N GLY D 90 12.95 -12.71 8.57
CA GLY D 90 12.73 -11.29 8.68
C GLY D 90 12.45 -10.85 10.07
N TYR D 91 12.16 -9.58 10.20
CA TYR D 91 11.91 -8.98 11.51
C TYR D 91 10.40 -9.07 11.85
N CYS D 92 10.11 -9.34 13.14
CA CYS D 92 8.78 -9.59 13.62
C CYS D 92 8.54 -8.72 14.81
N ILE D 93 7.30 -8.24 14.93
CA ILE D 93 6.89 -7.47 16.12
C ILE D 93 6.03 -8.39 16.99
N GLU D 94 6.44 -8.57 18.25
CA GLU D 94 5.78 -9.52 19.14
C GLU D 94 5.61 -8.97 20.54
N PHE D 95 4.78 -9.66 21.32
CA PHE D 95 4.77 -9.46 22.78
C PHE D 95 6.14 -9.97 23.29
N PRO D 96 6.73 -9.32 24.27
CA PRO D 96 7.88 -9.95 24.93
C PRO D 96 7.53 -11.38 25.36
N ALA D 97 8.47 -12.30 25.16
CA ALA D 97 8.22 -13.74 25.29
C ALA D 97 9.51 -14.54 25.42
N GLY D 98 9.39 -15.71 26.04
CA GLY D 98 10.49 -16.63 26.16
C GLY D 98 10.07 -17.99 26.72
N LEU D 99 10.99 -18.96 26.68
CA LEU D 99 10.72 -20.27 27.27
C LEU D 99 10.83 -20.21 28.79
N ILE D 100 10.05 -21.05 29.45
CA ILE D 100 10.05 -21.12 30.91
C ILE D 100 11.22 -22.00 31.35
N ASP D 101 12.03 -21.50 32.29
CA ASP D 101 13.17 -22.29 32.82
C ASP D 101 12.70 -23.46 33.70
N ASP D 102 13.50 -24.53 33.77
CA ASP D 102 13.28 -25.64 34.74
C ASP D 102 13.07 -25.09 36.16
N GLY D 103 11.93 -25.44 36.77
CA GLY D 103 11.60 -24.98 38.13
C GLY D 103 10.90 -23.63 38.25
N GLU D 104 10.82 -22.88 37.15
CA GLU D 104 10.29 -21.52 37.17
C GLU D 104 8.79 -21.58 36.97
N THR D 105 8.06 -20.77 37.73
CA THR D 105 6.62 -20.61 37.49
C THR D 105 6.38 -19.72 36.23
N PRO D 106 5.24 -19.88 35.52
CA PRO D 106 4.95 -18.96 34.40
C PRO D 106 5.05 -17.47 34.79
N GLU D 107 4.50 -17.13 35.94
CA GLU D 107 4.50 -15.74 36.41
C GLU D 107 5.91 -15.20 36.59
N ALA D 108 6.81 -16.02 37.12
CA ALA D 108 8.18 -15.59 37.40
C ALA D 108 8.94 -15.45 36.09
N ALA D 109 8.69 -16.38 35.17
CA ALA D 109 9.25 -16.32 33.83
C ALA D 109 8.80 -15.05 33.08
N ALA D 110 7.52 -14.73 33.18
CA ALA D 110 6.97 -13.52 32.56
C ALA D 110 7.68 -12.27 33.07
N LEU D 111 7.74 -12.10 34.40
CA LEU D 111 8.43 -10.93 34.96
C LEU D 111 9.91 -10.91 34.64
N ARG D 112 10.56 -12.07 34.62
CA ARG D 112 11.97 -12.13 34.27
C ARG D 112 12.18 -11.79 32.81
N GLU D 113 11.45 -12.45 31.92
CA GLU D 113 11.61 -12.15 30.49
C GLU D 113 11.25 -10.67 30.14
N LEU D 114 10.25 -10.12 30.80
CA LEU D 114 9.90 -8.72 30.61
C LEU D 114 11.06 -7.80 31.05
N GLU D 115 11.63 -8.04 32.22
CA GLU D 115 12.79 -7.24 32.67
C GLU D 115 13.98 -7.43 31.74
N GLU D 116 14.29 -8.65 31.37
CA GLU D 116 15.37 -8.93 30.42
C GLU D 116 15.22 -8.23 29.08
N GLU D 117 14.04 -8.35 28.50
CA GLU D 117 13.82 -7.92 27.12
C GLU D 117 13.51 -6.43 26.99
N THR D 118 12.95 -5.83 28.05
CA THR D 118 12.54 -4.43 27.99
C THR D 118 13.13 -3.53 29.08
N GLY D 119 13.73 -4.11 30.12
CA GLY D 119 14.14 -3.35 31.29
C GLY D 119 13.04 -3.06 32.31
N TYR D 120 11.75 -3.23 31.99
CA TYR D 120 10.71 -2.82 32.93
C TYR D 120 10.46 -3.86 34.05
N LYS D 121 10.12 -3.34 35.23
CA LYS D 121 9.78 -4.12 36.39
C LYS D 121 8.28 -4.06 36.58
N GLY D 122 7.63 -5.21 36.43
CA GLY D 122 6.17 -5.22 36.35
C GLY D 122 5.55 -5.89 37.54
N ASP D 123 4.22 -5.85 37.56
CA ASP D 123 3.40 -6.55 38.55
C ASP D 123 2.45 -7.48 37.78
N ILE D 124 2.34 -8.73 38.25
CA ILE D 124 1.41 -9.67 37.65
C ILE D 124 -0.02 -9.17 37.81
N ALA D 125 -0.79 -9.16 36.71
CA ALA D 125 -2.22 -8.87 36.80
C ALA D 125 -3.04 -10.15 36.63
N GLU D 126 -2.69 -10.97 35.66
CA GLU D 126 -3.39 -12.25 35.46
C GLU D 126 -2.55 -13.14 34.56
N CYS D 127 -2.89 -14.42 34.57
CA CYS D 127 -2.14 -15.47 33.89
C CYS D 127 -3.12 -16.48 33.29
N SER D 128 -2.95 -16.79 32.01
CA SER D 128 -3.86 -17.67 31.30
C SER D 128 -3.52 -19.13 31.62
N PRO D 129 -4.46 -20.05 31.37
CA PRO D 129 -4.05 -21.44 31.26
C PRO D 129 -3.17 -21.63 30.01
N ALA D 130 -2.60 -22.82 29.81
CA ALA D 130 -1.79 -23.09 28.65
C ALA D 130 -2.66 -23.01 27.40
N VAL D 131 -2.20 -22.24 26.40
CA VAL D 131 -2.93 -22.02 25.15
C VAL D 131 -2.08 -22.45 23.99
N CYS D 132 -2.73 -22.95 22.91
CA CYS D 132 -2.00 -23.54 21.81
C CYS D 132 -1.61 -22.51 20.73
N MET D 133 -0.41 -22.68 20.22
CA MET D 133 0.13 -21.78 19.21
C MET D 133 -0.34 -22.03 17.78
N ASP D 134 -0.40 -23.28 17.36
CA ASP D 134 -0.85 -23.61 16.00
C ASP D 134 -1.33 -25.07 16.00
N PRO D 135 -2.54 -25.33 16.54
CA PRO D 135 -2.88 -26.72 16.93
C PRO D 135 -3.11 -27.69 15.77
N GLY D 136 -3.36 -27.19 14.57
CA GLY D 136 -3.41 -28.00 13.35
C GLY D 136 -2.01 -28.50 12.91
N LEU D 137 -0.95 -27.98 13.52
CA LEU D 137 0.42 -28.30 13.15
C LEU D 137 1.29 -28.77 14.31
N SER D 138 1.24 -28.12 15.46
CA SER D 138 2.15 -28.45 16.55
C SER D 138 1.43 -28.56 17.86
N ASN D 139 2.16 -29.04 18.86
CA ASN D 139 1.64 -29.11 20.22
C ASN D 139 2.16 -27.96 21.07
N CYS D 140 2.78 -26.95 20.44
CA CYS D 140 3.42 -25.87 21.24
C CYS D 140 2.39 -25.06 22.04
N THR D 141 2.72 -24.77 23.30
CA THR D 141 1.82 -23.98 24.16
C THR D 141 2.54 -22.88 24.93
N ILE D 142 1.78 -21.84 25.31
CA ILE D 142 2.30 -20.80 26.20
C ILE D 142 1.30 -20.43 27.25
N HIS D 143 1.76 -19.79 28.30
CA HIS D 143 0.89 -18.99 29.13
C HIS D 143 0.99 -17.51 28.68
N ILE D 144 -0.15 -16.86 28.52
CA ILE D 144 -0.18 -15.44 28.24
C ILE D 144 -0.38 -14.76 29.56
N VAL D 145 0.57 -13.91 29.93
CA VAL D 145 0.55 -13.29 31.23
C VAL D 145 0.44 -11.78 31.07
N THR D 146 -0.62 -11.21 31.63
CA THR D 146 -0.83 -9.77 31.64
C THR D 146 -0.11 -9.16 32.84
N VAL D 147 0.69 -8.12 32.53
CA VAL D 147 1.55 -7.46 33.52
C VAL D 147 1.39 -5.93 33.42
N THR D 148 1.14 -5.25 34.54
CA THR D 148 1.08 -3.79 34.58
C THR D 148 2.43 -3.26 35.04
N ILE D 149 2.85 -2.16 34.43
CA ILE D 149 4.12 -1.51 34.75
C ILE D 149 3.77 -0.13 35.31
N ASN D 150 4.17 0.11 36.56
CA ASN D 150 3.97 1.38 37.22
C ASN D 150 5.03 2.34 36.73
N GLY D 151 4.67 3.15 35.74
CA GLY D 151 5.61 4.07 35.11
C GLY D 151 5.96 5.30 35.98
N ASP D 152 5.27 5.49 37.08
CA ASP D 152 5.61 6.55 38.02
C ASP D 152 6.67 6.14 39.07
N ASP D 153 6.86 4.84 39.28
CA ASP D 153 7.94 4.35 40.17
C ASP D 153 9.29 4.69 39.51
N GLU D 155 12.00 3.18 39.54
CA GLU D 155 12.66 2.01 38.93
C GLU D 155 12.35 1.91 37.44
N ASN D 156 11.20 2.46 37.02
CA ASN D 156 10.74 2.36 35.64
C ASN D 156 10.88 3.66 34.87
N ALA D 157 11.72 4.57 35.35
CA ALA D 157 11.90 5.86 34.62
C ALA D 157 12.63 5.67 33.28
N ARG D 158 13.84 5.17 33.35
CA ARG D 158 14.65 5.02 32.10
C ARG D 158 15.25 3.64 32.14
N PRO D 159 14.42 2.59 32.06
CA PRO D 159 14.96 1.23 32.22
C PRO D 159 15.77 0.79 30.98
N LYS D 160 16.86 0.06 31.19
CA LYS D 160 17.62 -0.63 30.11
C LYS D 160 17.44 -2.17 30.05
N PRO D 161 17.22 -2.73 28.84
CA PRO D 161 17.15 -4.18 28.72
C PRO D 161 18.42 -4.88 29.18
N LYS D 162 18.28 -6.08 29.74
CA LYS D 162 19.43 -6.97 30.03
C LYS D 162 19.27 -8.28 29.22
N PRO D 163 19.46 -8.21 27.90
CA PRO D 163 19.23 -9.42 27.11
C PRO D 163 20.30 -10.48 27.36
N GLY D 164 19.91 -11.75 27.24
CA GLY D 164 20.88 -12.85 27.32
C GLY D 164 21.62 -13.02 26.00
N ASP D 165 22.49 -14.02 25.96
CA ASP D 165 23.35 -14.26 24.81
C ASP D 165 22.51 -14.63 23.60
N GLY D 166 22.77 -13.98 22.48
CA GLY D 166 22.04 -14.20 21.24
C GLY D 166 20.67 -13.54 21.13
N GLU D 167 20.26 -12.75 22.13
CA GLU D 167 18.96 -12.06 22.15
C GLU D 167 19.21 -10.61 21.78
N PHE D 168 18.54 -10.14 20.72
CA PHE D 168 18.71 -8.78 20.24
C PHE D 168 17.33 -8.17 20.03
N VAL D 169 16.99 -7.24 20.90
CA VAL D 169 15.64 -6.77 21.03
C VAL D 169 15.66 -5.25 20.93
N GLU D 170 14.73 -4.73 20.13
CA GLU D 170 14.37 -3.32 20.14
C GLU D 170 12.97 -3.22 20.76
N VAL D 171 12.83 -2.32 21.72
CA VAL D 171 11.61 -2.10 22.44
C VAL D 171 10.80 -1.02 21.71
N ILE D 172 9.52 -1.33 21.47
CA ILE D 172 8.58 -0.44 20.77
C ILE D 172 7.32 -0.34 21.65
N SER D 173 7.09 0.84 22.23
CA SER D 173 5.90 1.10 23.05
C SER D 173 4.89 1.86 22.21
N LEU D 174 3.67 1.32 22.11
CA LEU D 174 2.64 1.89 21.26
C LEU D 174 1.45 2.19 22.12
N PRO D 175 0.74 3.31 21.78
CA PRO D 175 -0.45 3.63 22.56
C PRO D 175 -1.51 2.52 22.40
N LYS D 176 -2.11 2.15 23.54
CA LYS D 176 -3.16 1.12 23.53
C LYS D 176 -4.38 1.57 22.66
N ASN D 177 -4.66 2.88 22.73
CA ASN D 177 -5.77 3.52 22.05
C ASN D 177 -5.68 3.58 20.54
N ASP D 178 -4.53 3.23 19.96
CA ASP D 178 -4.40 3.23 18.50
C ASP D 178 -3.54 2.09 17.99
N LEU D 179 -3.53 0.96 18.72
CA LEU D 179 -2.58 -0.08 18.44
C LEU D 179 -2.72 -0.63 17.01
N LEU D 180 -3.95 -0.96 16.62
CA LEU D 180 -4.18 -1.60 15.35
C LEU D 180 -3.76 -0.71 14.19
N GLN D 181 -4.13 0.58 14.22
CA GLN D 181 -3.75 1.49 13.11
C GLN D 181 -2.22 1.66 13.09
N ARG D 182 -1.60 1.78 14.25
CA ARG D 182 -0.13 1.88 14.30
C ARG D 182 0.56 0.64 13.76
N LEU D 183 0.03 -0.56 14.05
CA LEU D 183 0.59 -1.78 13.49
C LEU D 183 0.39 -1.87 11.97
N ASP D 184 -0.80 -1.52 11.50
CA ASP D 184 -1.05 -1.50 10.04
C ASP D 184 -0.08 -0.55 9.35
N ALA D 185 0.20 0.61 9.95
CA ALA D 185 1.10 1.59 9.34
C ALA D 185 2.52 1.05 9.22
N LEU D 186 3.01 0.42 10.31
CA LEU D 186 4.34 -0.22 10.29
C LEU D 186 4.47 -1.25 9.19
N VAL D 187 3.43 -2.07 9.03
CA VAL D 187 3.42 -3.09 8.00
C VAL D 187 3.41 -2.49 6.59
N ALA D 188 2.70 -1.36 6.41
CA ALA D 188 2.63 -0.70 5.10
C ALA D 188 4.01 -0.12 4.71
N GLU D 189 4.72 0.45 5.68
CA GLU D 189 5.95 1.15 5.40
C GLU D 189 7.27 0.29 5.42
N GLU D 190 7.27 -0.91 6.01
CA GLU D 190 8.53 -1.38 6.68
C GLU D 190 9.06 -2.75 6.70
N HIS D 191 8.75 -3.61 5.77
CA HIS D 191 9.41 -5.00 5.76
C HIS D 191 9.43 -5.68 7.18
N LEU D 192 8.26 -6.01 7.69
CA LEU D 192 8.18 -6.60 8.98
C LEU D 192 6.85 -7.26 9.11
N THR D 193 6.76 -8.29 9.96
CA THR D 193 5.54 -9.07 10.15
C THR D 193 5.05 -8.84 11.59
N VAL D 194 3.74 -8.68 11.75
CA VAL D 194 3.18 -8.55 13.07
C VAL D 194 2.79 -9.96 13.47
N ASP D 195 3.02 -10.30 14.74
CA ASP D 195 2.57 -11.58 15.28
C ASP D 195 1.04 -11.66 15.33
N ALA D 196 0.48 -12.84 15.04
CA ALA D 196 -0.96 -13.05 15.06
C ALA D 196 -1.64 -12.79 16.38
N ARG D 197 -0.97 -13.09 17.48
N ARG D 197 -0.95 -13.07 17.50
CA ARG D 197 -1.53 -12.76 18.81
CA ARG D 197 -1.48 -12.78 18.85
C ARG D 197 -1.55 -11.27 19.06
C ARG D 197 -1.51 -11.28 19.14
N VAL D 198 -0.49 -10.56 18.68
CA VAL D 198 -0.50 -9.11 18.74
C VAL D 198 -1.68 -8.50 17.90
N TYR D 199 -1.81 -8.92 16.67
CA TYR D 199 -2.85 -8.43 15.79
C TYR D 199 -4.25 -8.77 16.33
N SER D 200 -4.43 -9.99 16.87
CA SER D 200 -5.74 -10.35 17.45
C SER D 200 -6.09 -9.47 18.63
N TYR D 201 -5.10 -9.22 19.48
CA TYR D 201 -5.24 -8.31 20.61
C TYR D 201 -5.65 -6.90 20.14
N ALA D 202 -4.94 -6.39 19.14
CA ALA D 202 -5.24 -5.04 18.61
C ALA D 202 -6.67 -4.94 17.98
N LEU D 203 -7.08 -5.98 17.23
CA LEU D 203 -8.42 -6.04 16.71
C LEU D 203 -9.47 -5.95 17.81
N ALA D 204 -9.33 -6.80 18.83
CA ALA D 204 -10.24 -6.83 19.95
C ALA D 204 -10.29 -5.51 20.72
N LEU D 205 -9.19 -4.76 20.83
CA LEU D 205 -9.29 -3.41 21.44
C LEU D 205 -10.30 -2.53 20.65
N LYS D 206 -10.33 -2.64 19.33
CA LYS D 206 -11.31 -1.89 18.54
C LYS D 206 -12.71 -2.56 18.68
N HIS D 207 -12.77 -3.89 18.55
CA HIS D 207 -14.06 -4.59 18.56
C HIS D 207 -14.82 -4.57 19.88
N ALA D 208 -14.15 -4.27 20.97
CA ALA D 208 -14.82 -4.16 22.25
C ALA D 208 -15.98 -3.20 22.34
N ASN D 209 -15.99 -2.18 21.52
CA ASN D 209 -17.16 -1.26 21.36
C ASN D 209 -18.37 -1.90 20.63
MG MG E . 8.33 24.19 -6.98
MG MG F . 11.06 25.60 -5.65
CL CL G . -4.85 -2.00 -18.01
C1 EDO H . -8.44 -9.32 -25.43
O1 EDO H . -9.46 -8.36 -25.72
C2 EDO H . -8.30 -10.20 -26.68
O2 EDO H . -7.82 -9.36 -27.75
MG MG I . -7.11 15.95 -29.32
MG MG J . -10.04 15.55 -30.38
C1 EDO K . -27.70 -11.05 5.24
O1 EDO K . -27.01 -12.29 5.56
C2 EDO K . -26.68 -9.97 4.86
O2 EDO K . -25.87 -10.48 3.80
MG MG L . -10.90 -26.17 7.41
MG MG M . -10.53 -25.63 9.65
MG MG N . 12.83 -13.38 23.45
MG MG O . 13.68 -14.92 25.03
#